data_7U56
#
_entry.id   7U56
#
_cell.length_a   95.350
_cell.length_b   115.420
_cell.length_c   68.480
_cell.angle_alpha   90.000
_cell.angle_beta   90.000
_cell.angle_gamma   90.000
#
_symmetry.space_group_name_H-M   'P 21 21 2'
#
loop_
_entity.id
_entity.type
_entity.pdbx_description
1 polymer 'D-alanine--D-alanine ligase'
2 non-polymer 'ADENOSINE MONOPHOSPHATE'
3 non-polymer 'MAGNESIUM ION'
4 non-polymer 1,2-ETHANEDIOL
5 non-polymer 'CHLORIDE ION'
6 water water
#
_entity_poly.entity_id   1
_entity_poly.type   'polypeptide(L)'
_entity_poly.pdbx_seq_one_letter_code
;MAHHHHHHMPFDVIWMEVEMAKMRVGIVFGGKSAEHEVSLQSAKNIVEAIDKSRFDVVLLGIDKQGLWHINDAGNYLLNA
QDPARIALRPSTVTLAQIPGREAQQLINAESGQPLAAIDVIFPIVHGTLGEDGSLQGMLRMANLPFVGSDVLGSAACMDK
DVTKRLLRDAGLAVAPFITLTRANRAQFSFADVEAKLGLPLFVKPANQGSSVGVSKVKNEEQYHQAVALAFEFDHKVVVE
QGIKGREIECAVLGNDHPQASTCGEIVLNSEFYAYDTKYIDDQGAQVVVPAAIAPEINDKIRAIAVQAYQTLGCSGMARV
DVFLTADNEVVINEINTLPGFTNISMYPKLWQASGLDYTSLITRLIELALERHAADRALKTSMN
;
_entity_poly.pdbx_strand_id   A,B
#
loop_
_chem_comp.id
_chem_comp.type
_chem_comp.name
_chem_comp.formula
AMP non-polymer 'ADENOSINE MONOPHOSPHATE' 'C10 H14 N5 O7 P'
CL non-polymer 'CHLORIDE ION' 'Cl -1'
EDO non-polymer 1,2-ETHANEDIOL 'C2 H6 O2'
MG non-polymer 'MAGNESIUM ION' 'Mg 2'
#
# COMPACT_ATOMS: atom_id res chain seq x y z
N ALA A 21 12.51 10.43 30.03
CA ALA A 21 12.61 8.99 29.89
C ALA A 21 11.38 8.45 29.18
N LYS A 22 10.25 9.13 29.39
CA LYS A 22 9.00 8.70 28.78
C LYS A 22 9.00 9.03 27.29
N MET A 23 8.36 8.16 26.50
CA MET A 23 8.06 8.44 25.10
C MET A 23 6.72 9.16 25.00
N ARG A 24 6.61 10.10 24.06
CA ARG A 24 5.34 10.74 23.80
C ARG A 24 4.64 10.00 22.66
N VAL A 25 3.45 9.49 22.94
CA VAL A 25 2.67 8.69 22.01
C VAL A 25 1.57 9.57 21.44
N GLY A 26 1.57 9.76 20.12
CA GLY A 26 0.46 10.46 19.50
C GLY A 26 -0.64 9.52 19.05
N ILE A 27 -1.82 9.63 19.65
CA ILE A 27 -2.94 8.78 19.29
C ILE A 27 -3.78 9.49 18.24
N VAL A 28 -3.88 8.89 17.06
CA VAL A 28 -4.64 9.45 15.95
C VAL A 28 -5.93 8.66 15.83
N PHE A 29 -7.06 9.35 15.96
CA PHE A 29 -8.32 8.65 16.16
C PHE A 29 -9.45 9.40 15.47
N GLY A 30 -10.61 8.76 15.44
CA GLY A 30 -11.79 9.36 14.83
C GLY A 30 -11.92 8.99 13.36
N GLY A 31 -12.01 9.99 12.50
CA GLY A 31 -12.07 9.76 11.07
C GLY A 31 -13.47 9.96 10.52
N LYS A 32 -13.56 9.86 9.19
CA LYS A 32 -14.83 10.16 8.53
C LYS A 32 -15.78 8.98 8.49
N SER A 33 -15.34 7.78 8.89
CA SER A 33 -16.17 6.60 8.73
C SER A 33 -17.32 6.59 9.75
N ALA A 34 -18.26 5.67 9.53
CA ALA A 34 -19.33 5.44 10.48
C ALA A 34 -18.80 4.94 11.83
N GLU A 35 -17.60 4.38 11.86
CA GLU A 35 -16.94 3.91 13.07
C GLU A 35 -16.26 5.03 13.85
N HIS A 36 -16.58 6.29 13.55
CA HIS A 36 -15.94 7.42 14.21
C HIS A 36 -16.06 7.33 15.73
N GLU A 37 -17.26 7.00 16.24
CA GLU A 37 -17.45 7.01 17.69
C GLU A 37 -16.74 5.84 18.36
N VAL A 38 -16.76 4.65 17.72
CA VAL A 38 -15.95 3.53 18.21
C VAL A 38 -14.49 3.95 18.34
N SER A 39 -13.97 4.68 17.36
CA SER A 39 -12.58 5.14 17.43
C SER A 39 -12.37 6.06 18.62
N LEU A 40 -13.33 6.97 18.87
CA LEU A 40 -13.25 7.82 20.06
C LEU A 40 -13.21 6.98 21.32
N GLN A 41 -14.06 5.96 21.41
CA GLN A 41 -14.04 5.07 22.56
C GLN A 41 -12.71 4.36 22.69
N SER A 42 -12.17 3.87 21.57
CA SER A 42 -10.86 3.22 21.60
C SER A 42 -9.81 4.16 22.17
N ALA A 43 -9.78 5.41 21.68
CA ALA A 43 -8.80 6.38 22.14
C ALA A 43 -8.95 6.67 23.61
N LYS A 44 -10.20 6.84 24.07
CA LYS A 44 -10.46 7.07 25.48
C LYS A 44 -9.92 5.92 26.33
N ASN A 45 -10.16 4.68 25.91
CA ASN A 45 -9.75 3.55 26.72
C ASN A 45 -8.23 3.40 26.70
N ILE A 46 -7.59 3.66 25.55
CA ILE A 46 -6.13 3.65 25.48
C ILE A 46 -5.54 4.70 26.41
N VAL A 47 -6.08 5.93 26.37
CA VAL A 47 -5.59 7.00 27.23
C VAL A 47 -5.72 6.60 28.69
N GLU A 48 -6.86 5.98 29.06
CA GLU A 48 -7.12 5.62 30.44
C GLU A 48 -6.20 4.50 30.93
N ALA A 49 -5.75 3.62 30.05
CA ALA A 49 -5.02 2.43 30.45
C ALA A 49 -3.53 2.46 30.16
N ILE A 50 -3.07 3.37 29.29
CA ILE A 50 -1.68 3.36 28.91
C ILE A 50 -0.78 3.60 30.12
N ASP A 51 0.38 2.95 30.12
CA ASP A 51 1.30 2.98 31.26
C ASP A 51 1.89 4.39 31.37
N LYS A 52 1.44 5.15 32.38
CA LYS A 52 1.87 6.53 32.49
C LYS A 52 3.28 6.66 33.01
N SER A 53 3.86 5.60 33.59
CA SER A 53 5.25 5.66 33.98
C SER A 53 6.18 5.62 32.78
N ARG A 54 5.68 5.15 31.63
CA ARG A 54 6.50 5.01 30.43
C ARG A 54 6.09 5.94 29.30
N PHE A 55 4.86 6.42 29.27
CA PHE A 55 4.36 7.14 28.10
C PHE A 55 3.60 8.37 28.52
N ASP A 56 3.83 9.46 27.79
CA ASP A 56 2.94 10.61 27.76
C ASP A 56 2.10 10.50 26.50
N VAL A 57 0.88 11.03 26.53
CA VAL A 57 0.02 10.91 25.35
C VAL A 57 -0.34 12.30 24.85
N VAL A 58 -0.49 12.40 23.55
CA VAL A 58 -1.07 13.58 22.91
C VAL A 58 -2.12 13.08 21.93
N LEU A 59 -3.23 13.79 21.85
CA LEU A 59 -4.40 13.33 21.12
C LEU A 59 -4.51 14.11 19.82
N LEU A 60 -4.52 13.37 18.71
CA LEU A 60 -4.64 13.93 17.36
C LEU A 60 -5.96 13.41 16.79
N GLY A 61 -7.02 14.20 16.94
CA GLY A 61 -8.33 13.80 16.49
C GLY A 61 -8.59 14.22 15.04
N ILE A 62 -9.14 13.30 14.27
CA ILE A 62 -9.65 13.61 12.93
C ILE A 62 -11.17 13.69 13.02
N ASP A 63 -11.71 14.86 12.67
CA ASP A 63 -13.16 15.02 12.69
C ASP A 63 -13.77 14.29 11.49
N LYS A 64 -15.09 14.46 11.32
CA LYS A 64 -15.81 13.74 10.28
C LYS A 64 -15.67 14.39 8.91
N GLN A 65 -15.02 15.55 8.82
CA GLN A 65 -14.69 16.15 7.54
C GLN A 65 -13.23 15.94 7.15
N GLY A 66 -12.48 15.22 7.97
CA GLY A 66 -11.11 14.87 7.67
C GLY A 66 -10.06 15.74 8.33
N LEU A 67 -10.44 16.83 8.97
CA LEU A 67 -9.45 17.74 9.52
C LEU A 67 -8.90 17.20 10.85
N TRP A 68 -7.64 17.53 11.12
CA TRP A 68 -6.96 17.06 12.32
C TRP A 68 -7.08 18.07 13.47
N HIS A 69 -7.19 17.55 14.68
CA HIS A 69 -7.33 18.36 15.89
C HIS A 69 -6.36 17.83 16.95
N ILE A 70 -5.34 18.61 17.28
CA ILE A 70 -4.44 18.26 18.39
C ILE A 70 -4.98 18.84 19.70
N ASN A 71 -5.01 18.00 20.73
CA ASN A 71 -5.45 18.39 22.07
C ASN A 71 -4.68 17.59 23.12
N ASP A 72 -4.65 18.13 24.33
CA ASP A 72 -4.11 17.38 25.44
C ASP A 72 -5.14 16.35 25.93
N ALA A 73 -4.66 15.41 26.76
CA ALA A 73 -5.52 14.34 27.25
C ALA A 73 -6.66 14.84 28.12
N GLY A 74 -6.56 16.06 28.66
CA GLY A 74 -7.63 16.61 29.47
C GLY A 74 -8.70 17.37 28.73
N ASN A 75 -8.50 17.65 27.45
CA ASN A 75 -9.43 18.48 26.69
C ASN A 75 -9.49 18.02 25.23
N TYR A 76 -9.72 16.72 25.02
CA TYR A 76 -9.94 16.22 23.66
C TYR A 76 -11.34 15.69 23.43
N LEU A 77 -12.10 15.43 24.49
CA LEU A 77 -13.45 14.94 24.36
C LEU A 77 -14.44 16.02 24.80
N LEU A 78 -15.64 15.94 24.22
CA LEU A 78 -16.83 16.62 24.72
C LEU A 78 -17.85 15.55 25.04
N ASN A 79 -18.52 15.69 26.18
CA ASN A 79 -19.51 14.71 26.65
C ASN A 79 -18.92 13.31 26.73
N ALA A 80 -17.74 13.23 27.36
CA ALA A 80 -16.93 12.02 27.33
C ALA A 80 -17.60 10.81 27.98
N GLN A 81 -18.57 11.03 28.88
CA GLN A 81 -19.15 9.93 29.64
C GLN A 81 -20.31 9.25 28.91
N ASP A 82 -21.24 10.04 28.36
CA ASP A 82 -22.36 9.45 27.63
C ASP A 82 -21.94 9.10 26.21
N PRO A 83 -22.28 7.90 25.71
CA PRO A 83 -21.79 7.48 24.39
C PRO A 83 -22.57 8.09 23.23
N ALA A 84 -23.86 8.36 23.47
CA ALA A 84 -24.71 8.95 22.45
C ALA A 84 -24.40 10.42 22.19
N ARG A 85 -23.48 11.02 22.95
CA ARG A 85 -23.08 12.41 22.76
C ARG A 85 -21.58 12.62 22.70
N ILE A 86 -20.76 11.57 22.90
CA ILE A 86 -19.32 11.74 22.88
C ILE A 86 -18.88 12.29 21.54
N ALA A 87 -17.94 13.24 21.58
CA ALA A 87 -17.55 13.93 20.36
C ALA A 87 -16.14 14.48 20.50
N LEU A 88 -15.49 14.65 19.35
CA LEU A 88 -14.19 15.28 19.32
C LEU A 88 -14.28 16.72 19.78
N ARG A 89 -13.32 17.14 20.63
CA ARG A 89 -13.29 18.58 20.92
C ARG A 89 -12.47 19.30 19.86
N PRO A 90 -12.97 20.41 19.31
CA PRO A 90 -12.17 21.16 18.32
C PRO A 90 -10.85 21.61 18.93
N SER A 91 -9.82 21.67 18.08
CA SER A 91 -8.55 22.26 18.43
C SER A 91 -8.50 23.69 17.88
N THR A 92 -7.75 24.55 18.56
CA THR A 92 -7.43 25.87 18.04
C THR A 92 -6.19 25.86 17.16
N VAL A 93 -5.46 24.75 17.12
CA VAL A 93 -4.26 24.61 16.32
C VAL A 93 -4.60 23.78 15.09
N THR A 94 -4.29 24.31 13.92
CA THR A 94 -4.22 23.51 12.71
C THR A 94 -2.83 22.90 12.65
N LEU A 95 -2.74 21.58 12.47
CA LEU A 95 -1.42 20.97 12.37
C LEU A 95 -1.07 20.69 10.90
N ALA A 96 0.23 20.74 10.62
CA ALA A 96 0.77 20.39 9.32
C ALA A 96 1.95 19.48 9.54
N GLN A 97 2.27 18.67 8.55
CA GLN A 97 3.48 17.87 8.58
C GLN A 97 4.42 18.35 7.48
N ILE A 98 5.71 18.41 7.79
CA ILE A 98 6.71 18.81 6.80
C ILE A 98 7.35 17.51 6.31
N PRO A 99 6.98 17.02 5.12
CA PRO A 99 7.52 15.75 4.65
C PRO A 99 9.03 15.86 4.48
N GLY A 100 9.74 14.77 4.80
CA GLY A 100 11.18 14.78 4.69
C GLY A 100 11.91 15.19 5.94
N ARG A 101 11.25 15.88 6.88
CA ARG A 101 11.92 16.11 8.15
C ARG A 101 12.06 14.79 8.90
N GLU A 102 13.15 14.70 9.66
CA GLU A 102 13.42 13.54 10.53
C GLU A 102 13.10 13.81 11.99
N ALA A 103 12.92 15.08 12.36
CA ALA A 103 12.54 15.52 13.70
C ALA A 103 11.76 16.80 13.50
N GLN A 104 11.05 17.24 14.55
CA GLN A 104 10.23 18.46 14.50
C GLN A 104 9.32 18.46 13.27
N GLN A 105 8.76 17.27 12.98
CA GLN A 105 8.05 17.09 11.72
C GLN A 105 6.69 17.73 11.72
N LEU A 106 6.07 17.92 12.88
CA LEU A 106 4.72 18.45 12.98
C LEU A 106 4.79 19.89 13.45
N ILE A 107 4.04 20.78 12.79
CA ILE A 107 4.12 22.19 13.12
C ILE A 107 2.71 22.74 13.26
N ASN A 108 2.60 23.84 14.02
CA ASN A 108 1.42 24.68 13.97
C ASN A 108 1.36 25.31 12.58
N ALA A 109 0.31 25.02 11.81
CA ALA A 109 0.32 25.45 10.41
C ALA A 109 0.27 26.97 10.28
N GLU A 110 -0.38 27.65 11.21
CA GLU A 110 -0.54 29.10 11.08
C GLU A 110 0.67 29.87 11.60
N SER A 111 1.35 29.36 12.62
CA SER A 111 2.51 30.05 13.18
C SER A 111 3.85 29.50 12.70
N GLY A 112 3.86 28.28 12.18
CA GLY A 112 5.10 27.62 11.82
C GLY A 112 5.88 27.02 12.97
N GLN A 113 5.42 27.17 14.19
CA GLN A 113 6.20 26.68 15.30
C GLN A 113 6.02 25.17 15.45
N PRO A 114 7.10 24.44 15.73
CA PRO A 114 6.97 22.98 15.89
C PRO A 114 6.14 22.62 17.12
N LEU A 115 5.35 21.57 16.95
CA LEU A 115 4.64 20.99 18.06
C LEU A 115 5.60 20.17 18.93
N ALA A 116 5.18 19.88 20.15
CA ALA A 116 5.98 19.02 21.02
C ALA A 116 6.24 17.69 20.30
N ALA A 117 7.45 17.17 20.48
CA ALA A 117 7.91 16.04 19.70
C ALA A 117 7.10 14.78 20.00
N ILE A 118 6.78 14.05 18.96
CA ILE A 118 6.05 12.79 19.07
C ILE A 118 7.01 11.67 18.71
N ASP A 119 7.19 10.73 19.63
CA ASP A 119 8.10 9.62 19.43
C ASP A 119 7.46 8.48 18.64
N VAL A 120 6.14 8.32 18.73
CA VAL A 120 5.49 7.20 18.07
C VAL A 120 4.01 7.54 17.90
N ILE A 121 3.44 7.10 16.79
CA ILE A 121 2.03 7.33 16.48
C ILE A 121 1.26 6.04 16.72
N PHE A 122 0.12 6.13 17.41
CA PHE A 122 -0.78 4.99 17.57
C PHE A 122 -2.04 5.30 16.76
N PRO A 123 -2.15 4.80 15.53
CA PRO A 123 -3.31 5.16 14.70
C PRO A 123 -4.48 4.21 14.87
N ILE A 124 -5.66 4.77 15.14
CA ILE A 124 -6.87 3.96 15.30
C ILE A 124 -8.01 4.61 14.53
N VAL A 125 -7.73 5.01 13.29
CA VAL A 125 -8.70 5.69 12.41
C VAL A 125 -9.24 4.66 11.44
N HIS A 126 -10.51 4.28 11.60
CA HIS A 126 -11.11 3.22 10.79
C HIS A 126 -11.49 3.72 9.39
N GLY A 127 -11.51 2.78 8.45
CA GLY A 127 -12.04 3.02 7.13
C GLY A 127 -11.00 3.52 6.14
N THR A 128 -11.53 4.05 5.02
CA THR A 128 -10.67 4.54 3.96
C THR A 128 -9.71 5.61 4.47
N LEU A 129 -8.49 5.59 3.95
CA LEU A 129 -7.38 6.44 4.35
C LEU A 129 -6.78 5.98 5.67
N GLY A 130 -7.60 5.84 6.72
CA GLY A 130 -7.07 5.45 8.01
C GLY A 130 -6.56 4.01 8.05
N GLU A 131 -7.19 3.13 7.28
CA GLU A 131 -6.88 1.71 7.38
C GLU A 131 -6.36 1.12 6.07
N ASP A 132 -6.27 1.92 4.99
CA ASP A 132 -5.97 1.38 3.67
C ASP A 132 -4.55 1.71 3.21
N GLY A 133 -3.68 2.13 4.12
CA GLY A 133 -2.31 2.45 3.79
C GLY A 133 -2.05 3.92 3.55
N SER A 134 -3.07 4.74 3.31
CA SER A 134 -2.80 6.15 2.99
C SER A 134 -2.24 6.88 4.20
N LEU A 135 -2.84 6.70 5.37
CA LEU A 135 -2.34 7.32 6.59
C LEU A 135 -0.93 6.83 6.91
N GLN A 136 -0.70 5.53 6.78
CA GLN A 136 0.63 4.97 6.98
C GLN A 136 1.62 5.58 6.01
N GLY A 137 1.22 5.78 4.76
CA GLY A 137 2.11 6.41 3.80
C GLY A 137 2.48 7.82 4.19
N MET A 138 1.52 8.59 4.67
CA MET A 138 1.83 9.96 5.10
C MET A 138 2.78 9.95 6.30
N LEU A 139 2.55 9.05 7.26
CA LEU A 139 3.43 8.95 8.41
C LEU A 139 4.83 8.58 7.99
N ARG A 140 4.95 7.69 6.99
CA ARG A 140 6.27 7.34 6.47
C ARG A 140 6.95 8.55 5.82
N MET A 141 6.18 9.38 5.11
CA MET A 141 6.77 10.57 4.49
C MET A 141 7.33 11.51 5.56
N ALA A 142 6.74 11.50 6.74
CA ALA A 142 7.14 12.35 7.85
C ALA A 142 8.08 11.63 8.81
N ASN A 143 8.50 10.40 8.48
CA ASN A 143 9.45 9.64 9.29
C ASN A 143 8.98 9.47 10.74
N LEU A 144 7.67 9.26 10.89
CA LEU A 144 7.06 9.06 12.19
C LEU A 144 6.86 7.57 12.43
N PRO A 145 7.46 6.96 13.47
CA PRO A 145 7.16 5.54 13.76
C PRO A 145 5.70 5.40 14.12
N PHE A 146 5.13 4.23 13.84
CA PHE A 146 3.71 4.02 14.13
C PHE A 146 3.41 2.56 14.41
N VAL A 147 2.37 2.37 15.24
CA VAL A 147 1.85 1.05 15.59
C VAL A 147 1.12 0.43 14.39
N GLY A 148 1.19 -0.89 14.28
CA GLY A 148 0.36 -1.62 13.33
C GLY A 148 1.03 -1.82 11.99
N SER A 149 0.22 -2.24 11.02
CA SER A 149 0.74 -2.69 9.75
C SER A 149 1.21 -1.52 8.89
N ASP A 150 2.16 -1.80 8.00
CA ASP A 150 2.75 -0.73 7.21
C ASP A 150 1.90 -0.51 5.96
N VAL A 151 2.43 0.20 4.96
CA VAL A 151 1.64 0.60 3.79
C VAL A 151 1.09 -0.62 3.06
N LEU A 152 1.97 -1.56 2.70
CA LEU A 152 1.54 -2.70 1.90
C LEU A 152 0.60 -3.59 2.69
N GLY A 153 0.96 -3.92 3.94
CA GLY A 153 0.10 -4.80 4.72
C GLY A 153 -1.27 -4.20 4.95
N SER A 154 -1.32 -2.90 5.22
CA SER A 154 -2.61 -2.23 5.41
C SER A 154 -3.42 -2.25 4.12
N ALA A 155 -2.83 -1.82 3.01
CA ALA A 155 -3.53 -1.75 1.73
C ALA A 155 -4.01 -3.13 1.29
N ALA A 156 -3.16 -4.15 1.44
CA ALA A 156 -3.51 -5.48 0.96
C ALA A 156 -4.62 -6.09 1.80
N CYS A 157 -4.54 -5.96 3.13
CA CYS A 157 -5.60 -6.50 3.99
C CYS A 157 -6.91 -5.76 3.80
N MET A 158 -6.84 -4.49 3.42
CA MET A 158 -8.07 -3.73 3.19
C MET A 158 -8.81 -4.24 1.96
N ASP A 159 -8.08 -4.74 0.97
CA ASP A 159 -8.68 -5.22 -0.26
C ASP A 159 -8.98 -6.71 -0.12
N LYS A 160 -10.27 -7.06 0.02
CA LYS A 160 -10.61 -8.46 0.25
C LYS A 160 -10.23 -9.34 -0.94
N ASP A 161 -10.26 -8.81 -2.16
CA ASP A 161 -9.88 -9.59 -3.32
C ASP A 161 -8.39 -9.94 -3.30
N VAL A 162 -7.55 -8.95 -3.04
CA VAL A 162 -6.12 -9.22 -2.93
C VAL A 162 -5.82 -10.16 -1.75
N THR A 163 -6.43 -9.90 -0.59
CA THR A 163 -6.23 -10.78 0.56
C THR A 163 -6.57 -12.23 0.23
N LYS A 164 -7.73 -12.44 -0.40
CA LYS A 164 -8.15 -13.82 -0.70
C LYS A 164 -7.21 -14.47 -1.71
N ARG A 165 -6.71 -13.70 -2.68
CA ARG A 165 -5.80 -14.27 -3.65
C ARG A 165 -4.49 -14.69 -3.01
N LEU A 166 -3.93 -13.83 -2.14
CA LEU A 166 -2.68 -14.20 -1.47
C LEU A 166 -2.89 -15.39 -0.54
N LEU A 167 -4.03 -15.44 0.15
CA LEU A 167 -4.29 -16.56 1.04
C LEU A 167 -4.43 -17.86 0.25
N ARG A 168 -5.15 -17.80 -0.87
CA ARG A 168 -5.32 -18.97 -1.73
C ARG A 168 -3.97 -19.49 -2.21
N ASP A 169 -3.11 -18.56 -2.68
CA ASP A 169 -1.77 -18.90 -3.15
C ASP A 169 -0.92 -19.55 -2.06
N ALA A 170 -1.15 -19.17 -0.80
CA ALA A 170 -0.47 -19.78 0.32
C ALA A 170 -1.07 -21.13 0.73
N GLY A 171 -2.10 -21.61 0.05
CA GLY A 171 -2.70 -22.87 0.42
C GLY A 171 -3.71 -22.79 1.54
N LEU A 172 -4.15 -21.59 1.91
CA LEU A 172 -5.12 -21.41 2.98
C LEU A 172 -6.53 -21.32 2.38
N ALA A 173 -7.54 -21.72 3.16
CA ALA A 173 -8.89 -21.81 2.62
C ALA A 173 -9.59 -20.45 2.69
N VAL A 174 -10.21 -20.06 1.57
CA VAL A 174 -11.07 -18.88 1.48
C VAL A 174 -12.38 -19.30 0.83
N ALA A 175 -13.40 -18.47 0.97
CA ALA A 175 -14.67 -18.78 0.31
C ALA A 175 -14.49 -18.70 -1.20
N PRO A 176 -14.89 -19.72 -1.97
CA PRO A 176 -14.82 -19.63 -3.44
C PRO A 176 -15.48 -18.33 -3.90
N PHE A 177 -14.92 -17.73 -4.94
CA PHE A 177 -15.37 -16.37 -5.24
C PHE A 177 -15.08 -15.98 -6.68
N ILE A 178 -15.75 -14.91 -7.12
CA ILE A 178 -15.49 -14.20 -8.36
C ILE A 178 -15.34 -12.74 -7.99
N THR A 179 -14.28 -12.09 -8.47
CA THR A 179 -14.12 -10.66 -8.28
C THR A 179 -14.47 -9.95 -9.58
N LEU A 180 -15.50 -9.12 -9.51
CA LEU A 180 -15.97 -8.33 -10.64
C LEU A 180 -15.25 -6.98 -10.64
N THR A 181 -14.75 -6.61 -11.81
CA THR A 181 -14.09 -5.32 -12.01
C THR A 181 -14.87 -4.56 -13.06
N ARG A 182 -14.56 -3.27 -13.21
CA ARG A 182 -15.19 -2.54 -14.30
C ARG A 182 -14.85 -3.17 -15.63
N ALA A 183 -13.64 -3.73 -15.77
CA ALA A 183 -13.21 -4.30 -17.03
C ALA A 183 -13.89 -5.63 -17.34
N ASN A 184 -14.08 -6.48 -16.32
CA ASN A 184 -14.60 -7.81 -16.60
C ASN A 184 -16.08 -8.01 -16.29
N ARG A 185 -16.78 -7.04 -15.68
CA ARG A 185 -18.05 -7.41 -15.06
C ARG A 185 -19.09 -7.82 -16.10
N ALA A 186 -19.05 -7.23 -17.29
CA ALA A 186 -20.07 -7.54 -18.29
C ALA A 186 -19.93 -8.96 -18.85
N GLN A 187 -18.84 -9.66 -18.54
CA GLN A 187 -18.66 -11.03 -19.01
C GLN A 187 -19.50 -12.05 -18.24
N PHE A 188 -20.11 -11.66 -17.12
CA PHE A 188 -20.75 -12.59 -16.22
C PHE A 188 -22.26 -12.38 -16.20
N SER A 189 -23.02 -13.47 -16.17
CA SER A 189 -24.44 -13.42 -15.85
C SER A 189 -24.65 -14.03 -14.48
N PHE A 190 -25.85 -13.82 -13.92
CA PHE A 190 -26.18 -14.52 -12.69
C PHE A 190 -26.07 -16.03 -12.88
N ALA A 191 -26.46 -16.51 -14.06
CA ALA A 191 -26.35 -17.93 -14.36
C ALA A 191 -24.92 -18.42 -14.25
N ASP A 192 -23.95 -17.65 -14.77
CA ASP A 192 -22.54 -18.04 -14.65
C ASP A 192 -22.11 -18.07 -13.19
N VAL A 193 -22.50 -17.06 -12.42
CA VAL A 193 -22.09 -16.95 -11.04
C VAL A 193 -22.69 -18.08 -10.22
N GLU A 194 -23.98 -18.33 -10.37
CA GLU A 194 -24.63 -19.43 -9.66
C GLU A 194 -24.04 -20.78 -10.04
N ALA A 195 -23.70 -20.94 -11.32
CA ALA A 195 -23.11 -22.20 -11.75
C ALA A 195 -21.79 -22.46 -11.02
N LYS A 196 -20.99 -21.42 -10.83
CA LYS A 196 -19.69 -21.60 -10.19
C LYS A 196 -19.81 -21.70 -8.68
N LEU A 197 -20.68 -20.90 -8.06
CA LEU A 197 -20.64 -20.72 -6.61
C LEU A 197 -21.84 -21.27 -5.86
N GLY A 198 -22.95 -21.57 -6.55
CA GLY A 198 -24.16 -22.01 -5.88
C GLY A 198 -24.88 -20.85 -5.20
N LEU A 199 -25.89 -21.20 -4.41
CA LEU A 199 -26.67 -20.23 -3.64
C LEU A 199 -26.78 -20.70 -2.19
N PRO A 200 -26.86 -19.76 -1.24
CA PRO A 200 -26.81 -18.29 -1.42
C PRO A 200 -25.42 -17.75 -1.66
N LEU A 201 -25.36 -16.50 -2.09
CA LEU A 201 -24.12 -15.79 -2.35
C LEU A 201 -24.00 -14.62 -1.39
N PHE A 202 -22.76 -14.19 -1.15
CA PHE A 202 -22.52 -12.95 -0.46
C PHE A 202 -21.76 -12.04 -1.40
N VAL A 203 -22.26 -10.81 -1.50
CA VAL A 203 -21.74 -9.80 -2.42
C VAL A 203 -21.21 -8.67 -1.55
N LYS A 204 -19.97 -8.26 -1.78
CA LYS A 204 -19.40 -7.19 -0.98
C LYS A 204 -18.41 -6.38 -1.80
N PRO A 205 -18.27 -5.09 -1.51
CA PRO A 205 -17.17 -4.33 -2.11
C PRO A 205 -15.85 -4.89 -1.62
N ALA A 206 -14.86 -4.87 -2.51
CA ALA A 206 -13.54 -5.39 -2.16
C ALA A 206 -12.92 -4.59 -1.03
N ASN A 207 -13.10 -3.28 -1.04
CA ASN A 207 -12.50 -2.34 -0.10
C ASN A 207 -13.63 -1.60 0.58
N GLN A 208 -13.88 -1.91 1.85
CA GLN A 208 -14.78 -1.07 2.65
C GLN A 208 -14.63 -1.31 4.16
N SER A 211 -19.36 -2.92 7.78
CA SER A 211 -19.55 -3.84 6.65
C SER A 211 -20.57 -3.29 5.65
N VAL A 212 -20.23 -2.11 5.10
CA VAL A 212 -21.11 -1.43 4.16
C VAL A 212 -21.13 -2.17 2.84
N GLY A 213 -22.31 -2.25 2.22
CA GLY A 213 -22.45 -2.82 0.89
C GLY A 213 -22.47 -4.33 0.82
N VAL A 214 -22.54 -5.03 1.96
CA VAL A 214 -22.54 -6.50 1.99
C VAL A 214 -23.97 -7.00 1.95
N SER A 215 -24.30 -7.83 0.96
CA SER A 215 -25.66 -8.35 0.81
C SER A 215 -25.62 -9.87 0.74
N LYS A 216 -26.60 -10.52 1.36
CA LYS A 216 -26.82 -11.94 1.16
C LYS A 216 -27.82 -12.10 0.01
N VAL A 217 -27.51 -13.00 -0.92
CA VAL A 217 -28.23 -13.07 -2.19
C VAL A 217 -28.79 -14.47 -2.40
N LYS A 218 -30.12 -14.56 -2.67
CA LYS A 218 -30.80 -15.83 -2.89
C LYS A 218 -31.40 -16.02 -4.28
N ASN A 219 -31.42 -14.99 -5.11
CA ASN A 219 -32.06 -15.11 -6.42
C ASN A 219 -31.50 -14.01 -7.31
N GLU A 220 -31.88 -14.06 -8.58
CA GLU A 220 -31.30 -13.16 -9.57
C GLU A 220 -31.60 -11.70 -9.26
N GLU A 221 -32.83 -11.38 -8.86
CA GLU A 221 -33.19 -10.00 -8.55
C GLU A 221 -32.32 -9.45 -7.43
N GLN A 222 -32.17 -10.21 -6.35
CA GLN A 222 -31.29 -9.77 -5.26
C GLN A 222 -29.86 -9.63 -5.72
N TYR A 223 -29.41 -10.56 -6.58
CA TYR A 223 -28.05 -10.50 -7.11
C TYR A 223 -27.80 -9.17 -7.84
N HIS A 224 -28.67 -8.80 -8.78
CA HIS A 224 -28.44 -7.57 -9.53
C HIS A 224 -28.43 -6.36 -8.60
N GLN A 225 -29.38 -6.31 -7.66
CA GLN A 225 -29.43 -5.18 -6.73
C GLN A 225 -28.17 -5.11 -5.88
N ALA A 226 -27.66 -6.26 -5.44
CA ALA A 226 -26.47 -6.30 -4.58
C ALA A 226 -25.22 -5.89 -5.33
N VAL A 227 -25.04 -6.37 -6.55
CA VAL A 227 -23.85 -6.03 -7.34
C VAL A 227 -23.86 -4.53 -7.64
N ALA A 228 -25.01 -4.01 -8.07
CA ALA A 228 -25.11 -2.58 -8.35
C ALA A 228 -24.79 -1.77 -7.09
N LEU A 229 -25.33 -2.21 -5.95
CA LEU A 229 -25.06 -1.53 -4.68
C LEU A 229 -23.58 -1.53 -4.36
N ALA A 230 -22.92 -2.70 -4.45
CA ALA A 230 -21.51 -2.76 -4.08
C ALA A 230 -20.65 -1.88 -4.99
N PHE A 231 -21.03 -1.74 -6.27
CA PHE A 231 -20.29 -0.87 -7.16
C PHE A 231 -20.50 0.61 -6.85
N GLU A 232 -21.41 0.95 -5.94
CA GLU A 232 -21.47 2.32 -5.46
C GLU A 232 -20.41 2.61 -4.41
N PHE A 233 -19.81 1.58 -3.82
CA PHE A 233 -18.82 1.78 -2.78
C PHE A 233 -17.40 1.49 -3.20
N ASP A 234 -17.19 0.68 -4.23
CA ASP A 234 -15.83 0.36 -4.66
C ASP A 234 -15.90 0.02 -6.14
N HIS A 235 -14.73 0.01 -6.78
CA HIS A 235 -14.64 -0.34 -8.19
C HIS A 235 -14.45 -1.83 -8.38
N LYS A 236 -14.39 -2.59 -7.30
CA LYS A 236 -14.25 -4.04 -7.35
C LYS A 236 -15.29 -4.65 -6.42
N VAL A 237 -15.89 -5.74 -6.85
CA VAL A 237 -16.96 -6.38 -6.09
C VAL A 237 -16.64 -7.86 -5.98
N VAL A 238 -16.59 -8.36 -4.76
CA VAL A 238 -16.31 -9.76 -4.51
C VAL A 238 -17.64 -10.48 -4.37
N VAL A 239 -17.83 -11.54 -5.14
CA VAL A 239 -19.03 -12.38 -5.05
C VAL A 239 -18.58 -13.74 -4.53
N GLU A 240 -19.11 -14.14 -3.37
CA GLU A 240 -18.63 -15.31 -2.62
C GLU A 240 -19.72 -16.36 -2.44
N GLN A 241 -19.30 -17.62 -2.53
CA GLN A 241 -20.08 -18.72 -2.01
C GLN A 241 -20.40 -18.52 -0.53
N GLY A 242 -21.65 -18.76 -0.16
CA GLY A 242 -22.02 -18.70 1.25
C GLY A 242 -21.42 -19.88 2.02
N ILE A 243 -20.77 -19.57 3.14
CA ILE A 243 -20.12 -20.55 4.00
C ILE A 243 -21.04 -20.86 5.16
N LYS A 244 -21.18 -22.13 5.52
CA LYS A 244 -21.99 -22.53 6.67
C LYS A 244 -21.01 -22.78 7.82
N GLY A 245 -21.01 -21.92 8.82
CA GLY A 245 -20.05 -22.09 9.89
C GLY A 245 -20.20 -21.07 10.99
N ARG A 246 -19.50 -21.33 12.08
CA ARG A 246 -19.47 -20.39 13.19
C ARG A 246 -18.46 -19.30 12.90
N GLU A 247 -18.69 -18.11 13.48
CA GLU A 247 -17.87 -16.94 13.18
C GLU A 247 -16.86 -16.74 14.31
N ILE A 248 -15.64 -17.18 14.06
CA ILE A 248 -14.58 -17.21 15.06
C ILE A 248 -13.56 -16.13 14.72
N GLU A 249 -12.97 -15.52 15.76
CA GLU A 249 -12.01 -14.44 15.60
C GLU A 249 -10.79 -14.74 16.46
N CYS A 250 -9.63 -14.35 15.96
CA CYS A 250 -8.38 -14.60 16.64
C CYS A 250 -7.50 -13.36 16.57
N ALA A 251 -6.90 -13.00 17.70
CA ALA A 251 -6.09 -11.80 17.82
C ALA A 251 -4.62 -12.18 17.63
N VAL A 252 -3.93 -11.50 16.73
CA VAL A 252 -2.51 -11.76 16.50
C VAL A 252 -1.71 -10.55 16.93
N LEU A 253 -0.54 -10.79 17.53
CA LEU A 253 0.31 -9.73 18.05
C LEU A 253 1.75 -10.03 17.66
N GLY A 254 2.45 -9.06 17.09
CA GLY A 254 3.89 -9.19 16.91
C GLY A 254 4.34 -8.74 15.53
N ASN A 255 5.67 -8.76 15.34
CA ASN A 255 6.28 -8.41 14.07
C ASN A 255 6.82 -9.70 13.48
N ASP A 256 8.11 -10.02 13.66
CA ASP A 256 8.68 -11.19 13.00
C ASP A 256 8.25 -12.49 13.63
N HIS A 257 7.82 -12.48 14.89
CA HIS A 257 7.48 -13.70 15.62
C HIS A 257 6.08 -13.53 16.21
N PRO A 258 5.07 -13.52 15.35
CA PRO A 258 3.72 -13.22 15.81
C PRO A 258 3.16 -14.34 16.67
N GLN A 259 2.27 -13.97 17.58
CA GLN A 259 1.64 -14.94 18.47
C GLN A 259 0.13 -14.74 18.43
N ALA A 260 -0.59 -15.84 18.60
CA ALA A 260 -2.05 -15.81 18.50
C ALA A 260 -2.66 -15.98 19.88
N SER A 261 -3.70 -15.19 20.13
CA SER A 261 -4.52 -15.33 21.34
C SER A 261 -5.36 -16.59 21.24
N THR A 262 -6.10 -16.89 22.31
CA THR A 262 -7.18 -17.85 22.18
C THR A 262 -8.23 -17.27 21.22
N CYS A 263 -9.10 -18.12 20.72
CA CYS A 263 -10.14 -17.65 19.81
C CYS A 263 -11.36 -17.16 20.58
N GLY A 264 -12.12 -16.28 19.94
CA GLY A 264 -13.41 -15.85 20.41
C GLY A 264 -14.46 -16.12 19.35
N GLU A 265 -15.72 -15.93 19.72
CA GLU A 265 -16.81 -16.19 18.79
C GLU A 265 -17.81 -15.05 18.84
N ILE A 266 -18.41 -14.78 17.67
CA ILE A 266 -19.52 -13.85 17.53
C ILE A 266 -20.78 -14.67 17.41
N VAL A 267 -21.71 -14.47 18.35
CA VAL A 267 -22.94 -15.24 18.46
C VAL A 267 -24.09 -14.26 18.50
N LEU A 268 -25.10 -14.48 17.67
CA LEU A 268 -26.26 -13.59 17.68
C LEU A 268 -26.96 -13.61 19.03
N ASN A 269 -27.34 -12.42 19.51
CA ASN A 269 -28.01 -12.29 20.81
C ASN A 269 -29.30 -13.11 20.89
N ALA A 285 -25.93 -9.23 18.85
CA ALA A 285 -24.75 -10.06 18.65
C ALA A 285 -23.75 -9.94 19.81
N GLN A 286 -23.35 -11.08 20.34
CA GLN A 286 -22.53 -11.15 21.54
C GLN A 286 -21.11 -11.55 21.21
N VAL A 287 -20.17 -10.85 21.83
CA VAL A 287 -18.75 -11.20 21.81
C VAL A 287 -18.54 -12.28 22.87
N VAL A 288 -18.11 -13.46 22.45
CA VAL A 288 -17.97 -14.60 23.37
C VAL A 288 -16.48 -14.92 23.46
N VAL A 289 -15.92 -14.77 24.68
CA VAL A 289 -14.50 -14.94 24.93
C VAL A 289 -14.30 -15.80 26.16
N PRO A 290 -13.60 -16.93 26.07
CA PRO A 290 -13.11 -17.52 24.81
C PRO A 290 -14.23 -18.27 24.11
N ALA A 291 -14.01 -18.61 22.84
CA ALA A 291 -14.98 -19.39 22.09
C ALA A 291 -15.12 -20.80 22.67
N ALA A 292 -16.35 -21.32 22.65
CA ALA A 292 -16.61 -22.68 23.14
C ALA A 292 -16.30 -23.68 22.03
N ILE A 293 -15.00 -23.89 21.83
CA ILE A 293 -14.48 -24.89 20.90
C ILE A 293 -13.40 -25.69 21.60
N ALA A 294 -13.17 -26.91 21.10
CA ALA A 294 -12.18 -27.79 21.71
C ALA A 294 -10.76 -27.23 21.50
N PRO A 295 -9.83 -27.56 22.39
CA PRO A 295 -8.48 -26.99 22.30
C PRO A 295 -7.76 -27.30 20.98
N GLU A 296 -7.94 -28.50 20.41
CA GLU A 296 -7.26 -28.81 19.14
C GLU A 296 -7.74 -27.88 18.02
N ILE A 297 -9.04 -27.59 17.99
CA ILE A 297 -9.63 -26.70 16.99
C ILE A 297 -9.19 -25.27 17.24
N ASN A 298 -9.18 -24.86 18.52
CA ASN A 298 -8.63 -23.57 18.91
C ASN A 298 -7.22 -23.40 18.36
N ASP A 299 -6.35 -24.40 18.60
CA ASP A 299 -4.97 -24.27 18.16
C ASP A 299 -4.84 -24.31 16.64
N LYS A 300 -5.73 -25.07 15.97
CA LYS A 300 -5.69 -25.12 14.52
C LYS A 300 -6.03 -23.76 13.92
N ILE A 301 -7.04 -23.07 14.46
CA ILE A 301 -7.38 -21.74 13.99
C ILE A 301 -6.27 -20.76 14.29
N ARG A 302 -5.69 -20.86 15.49
CA ARG A 302 -4.60 -19.96 15.88
C ARG A 302 -3.41 -20.07 14.92
N ALA A 303 -3.05 -21.29 14.54
CA ALA A 303 -1.91 -21.48 13.65
C ALA A 303 -2.22 -20.93 12.26
N ILE A 304 -3.46 -21.12 11.80
CA ILE A 304 -3.91 -20.57 10.52
C ILE A 304 -3.93 -19.04 10.59
N ALA A 305 -4.36 -18.48 11.73
CA ALA A 305 -4.33 -17.02 11.88
C ALA A 305 -2.92 -16.49 11.70
N VAL A 306 -1.95 -17.13 12.35
CA VAL A 306 -0.56 -16.68 12.24
C VAL A 306 -0.07 -16.79 10.81
N GLN A 307 -0.37 -17.92 10.14
CA GLN A 307 0.03 -18.06 8.74
C GLN A 307 -0.58 -16.97 7.88
N ALA A 308 -1.86 -16.69 8.08
CA ALA A 308 -2.53 -15.64 7.33
C ALA A 308 -1.86 -14.30 7.57
N TYR A 309 -1.61 -13.98 8.84
CA TYR A 309 -0.91 -12.76 9.22
C TYR A 309 0.39 -12.59 8.46
N GLN A 310 1.17 -13.66 8.40
CA GLN A 310 2.46 -13.59 7.71
C GLN A 310 2.28 -13.50 6.20
N THR A 311 1.32 -14.25 5.67
CA THR A 311 1.05 -14.21 4.23
C THR A 311 0.72 -12.79 3.76
N LEU A 312 0.01 -12.03 4.58
CA LEU A 312 -0.39 -10.68 4.21
C LEU A 312 0.61 -9.61 4.66
N GLY A 313 1.70 -10.00 5.32
CA GLY A 313 2.71 -9.02 5.69
C GLY A 313 2.26 -8.06 6.76
N CYS A 314 1.42 -8.52 7.70
CA CYS A 314 0.98 -7.65 8.78
C CYS A 314 2.12 -7.37 9.74
N SER A 315 2.00 -6.27 10.47
CA SER A 315 2.90 -5.99 11.60
C SER A 315 2.09 -5.46 12.77
N GLY A 316 2.63 -5.63 13.96
CA GLY A 316 2.01 -5.06 15.15
C GLY A 316 0.86 -5.91 15.62
N MET A 317 -0.28 -5.79 14.95
CA MET A 317 -1.49 -6.49 15.36
C MET A 317 -2.39 -6.71 14.16
N ALA A 318 -3.23 -7.72 14.27
CA ALA A 318 -4.36 -7.90 13.38
C ALA A 318 -5.35 -8.83 14.06
N ARG A 319 -6.60 -8.70 13.66
CA ARG A 319 -7.62 -9.67 14.05
C ARG A 319 -8.00 -10.47 12.80
N VAL A 320 -7.92 -11.81 12.89
CA VAL A 320 -8.27 -12.70 11.79
C VAL A 320 -9.66 -13.27 12.06
N ASP A 321 -10.57 -13.09 11.11
CA ASP A 321 -11.96 -13.57 11.22
C ASP A 321 -12.14 -14.74 10.26
N VAL A 322 -12.64 -15.86 10.79
CA VAL A 322 -12.81 -17.08 10.01
C VAL A 322 -14.20 -17.66 10.25
N PHE A 323 -14.60 -18.54 9.34
CA PHE A 323 -15.74 -19.41 9.53
C PHE A 323 -15.24 -20.78 9.90
N LEU A 324 -15.85 -21.38 10.91
CA LEU A 324 -15.53 -22.73 11.35
C LEU A 324 -16.69 -23.63 10.92
N THR A 325 -16.46 -24.50 9.95
CA THR A 325 -17.58 -25.29 9.47
C THR A 325 -17.80 -26.48 10.39
N ALA A 326 -18.91 -27.18 10.16
CA ALA A 326 -19.24 -28.37 10.95
C ALA A 326 -18.19 -29.46 10.82
N ASP A 327 -17.52 -29.56 9.67
CA ASP A 327 -16.41 -30.48 9.50
C ASP A 327 -15.08 -29.91 9.99
N ASN A 328 -15.12 -28.83 10.77
CA ASN A 328 -13.93 -28.15 11.28
C ASN A 328 -12.99 -27.65 10.18
N GLU A 329 -13.51 -27.42 8.98
CA GLU A 329 -12.78 -26.65 7.99
C GLU A 329 -12.73 -25.19 8.44
N VAL A 330 -11.60 -24.54 8.21
CA VAL A 330 -11.40 -23.15 8.64
C VAL A 330 -11.32 -22.32 7.38
N VAL A 331 -12.27 -21.40 7.21
CA VAL A 331 -12.35 -20.58 6.00
C VAL A 331 -12.11 -19.14 6.39
N ILE A 332 -11.05 -18.54 5.86
CA ILE A 332 -10.68 -17.20 6.31
C ILE A 332 -11.54 -16.16 5.60
N ASN A 333 -12.15 -15.27 6.39
CA ASN A 333 -13.03 -14.23 5.84
C ASN A 333 -12.33 -12.88 5.65
N GLU A 334 -11.49 -12.49 6.60
CA GLU A 334 -10.95 -11.14 6.63
C GLU A 334 -9.77 -11.07 7.60
N ILE A 335 -8.80 -10.23 7.27
CA ILE A 335 -7.73 -9.87 8.19
C ILE A 335 -7.90 -8.38 8.45
N ASN A 336 -8.16 -8.01 9.70
CA ASN A 336 -8.43 -6.63 10.08
CA ASN A 336 -8.42 -6.63 10.05
C ASN A 336 -7.18 -6.05 10.72
N THR A 337 -6.56 -5.07 10.07
CA THR A 337 -5.33 -4.52 10.63
C THR A 337 -5.55 -3.43 11.67
N LEU A 338 -6.79 -2.98 11.85
CA LEU A 338 -7.13 -1.99 12.88
C LEU A 338 -8.29 -2.54 13.69
N PRO A 339 -8.01 -3.48 14.58
CA PRO A 339 -9.09 -4.03 15.40
C PRO A 339 -9.63 -2.96 16.33
N GLY A 340 -10.86 -3.18 16.76
CA GLY A 340 -11.43 -2.33 17.80
C GLY A 340 -10.65 -2.45 19.09
N PHE A 341 -10.55 -1.32 19.81
CA PHE A 341 -9.69 -1.23 20.97
C PHE A 341 -10.43 -0.70 22.20
N THR A 342 -11.76 -0.76 22.20
CA THR A 342 -12.49 -0.44 23.40
C THR A 342 -12.25 -1.54 24.44
N ASN A 343 -12.57 -1.22 25.70
CA ASN A 343 -12.41 -2.21 26.76
CA ASN A 343 -12.43 -2.20 26.77
C ASN A 343 -13.27 -3.45 26.53
N ILE A 344 -14.29 -3.35 25.68
CA ILE A 344 -15.19 -4.47 25.39
C ILE A 344 -14.93 -5.09 24.03
N SER A 345 -13.94 -4.60 23.27
CA SER A 345 -13.72 -5.10 21.92
C SER A 345 -13.10 -6.49 21.95
N MET A 346 -13.31 -7.25 20.88
CA MET A 346 -12.80 -8.62 20.79
C MET A 346 -11.28 -8.65 20.98
N TYR A 347 -10.55 -7.78 20.27
CA TYR A 347 -9.09 -7.94 20.25
C TYR A 347 -8.48 -7.84 21.63
N PRO A 348 -8.74 -6.79 22.44
CA PRO A 348 -8.17 -6.77 23.80
C PRO A 348 -8.72 -7.86 24.71
N LYS A 349 -10.02 -8.17 24.61
CA LYS A 349 -10.60 -9.21 25.47
C LYS A 349 -9.90 -10.54 25.23
N LEU A 350 -9.60 -10.85 23.97
CA LEU A 350 -8.94 -12.12 23.67
C LEU A 350 -7.54 -12.16 24.28
N TRP A 351 -6.80 -11.06 24.19
CA TRP A 351 -5.47 -11.05 24.84
C TRP A 351 -5.61 -11.12 26.36
N GLN A 352 -6.61 -10.45 26.94
CA GLN A 352 -6.85 -10.60 28.38
C GLN A 352 -7.09 -12.06 28.73
N ALA A 353 -7.91 -12.76 27.94
CA ALA A 353 -8.20 -14.17 28.20
C ALA A 353 -6.98 -15.05 28.01
N SER A 354 -5.96 -14.55 27.32
CA SER A 354 -4.71 -15.26 27.08
C SER A 354 -3.59 -14.78 28.00
N GLY A 355 -3.90 -13.99 29.01
CA GLY A 355 -2.92 -13.64 30.01
C GLY A 355 -2.19 -12.32 29.79
N LEU A 356 -2.58 -11.52 28.80
CA LEU A 356 -1.93 -10.24 28.51
C LEU A 356 -2.94 -9.14 28.79
N ASP A 357 -2.69 -8.36 29.84
CA ASP A 357 -3.64 -7.32 30.22
C ASP A 357 -3.59 -6.14 29.24
N TYR A 358 -4.61 -5.29 29.33
CA TYR A 358 -4.80 -4.21 28.36
C TYR A 358 -3.63 -3.22 28.40
N THR A 359 -3.21 -2.83 29.60
CA THR A 359 -2.08 -1.92 29.72
C THR A 359 -0.83 -2.51 29.08
N SER A 360 -0.56 -3.79 29.36
CA SER A 360 0.65 -4.44 28.84
C SER A 360 0.55 -4.62 27.33
N LEU A 361 -0.66 -4.84 26.83
CA LEU A 361 -0.87 -4.97 25.41
C LEU A 361 -0.52 -3.67 24.70
N ILE A 362 -0.95 -2.55 25.24
CA ILE A 362 -0.65 -1.26 24.63
C ILE A 362 0.85 -1.03 24.61
N THR A 363 1.53 -1.34 25.73
CA THR A 363 2.97 -1.16 25.80
C THR A 363 3.67 -2.02 24.75
N ARG A 364 3.24 -3.27 24.61
CA ARG A 364 3.88 -4.16 23.63
C ARG A 364 3.71 -3.63 22.21
N LEU A 365 2.52 -3.14 21.88
CA LEU A 365 2.29 -2.58 20.54
C LEU A 365 3.22 -1.40 20.25
N ILE A 366 3.43 -0.55 21.25
CA ILE A 366 4.36 0.57 21.10
C ILE A 366 5.80 0.06 20.96
N GLU A 367 6.19 -0.92 21.78
CA GLU A 367 7.54 -1.47 21.66
C GLU A 367 7.75 -2.07 20.27
N LEU A 368 6.77 -2.80 19.76
CA LEU A 368 6.85 -3.40 18.43
C LEU A 368 6.99 -2.34 17.36
N ALA A 369 6.18 -1.27 17.44
CA ALA A 369 6.32 -0.14 16.51
C ALA A 369 7.74 0.40 16.48
N LEU A 370 8.34 0.63 17.65
CA LEU A 370 9.68 1.20 17.71
C LEU A 370 10.75 0.21 17.24
N GLU A 371 10.58 -1.07 17.56
CA GLU A 371 11.47 -2.10 17.04
C GLU A 371 11.44 -2.11 15.52
N ARG A 372 10.25 -2.06 14.92
CA ARG A 372 10.16 -2.11 13.47
C ARG A 372 10.74 -0.85 12.83
N HIS A 373 10.53 0.30 13.47
CA HIS A 373 11.12 1.53 12.96
C HIS A 373 12.64 1.45 12.98
N ALA A 374 13.21 0.94 14.08
CA ALA A 374 14.66 0.81 14.15
C ALA A 374 15.18 -0.14 13.08
N ALA A 375 14.43 -1.21 12.81
CA ALA A 375 14.88 -2.18 11.80
C ALA A 375 14.84 -1.58 10.41
N ASP A 376 13.79 -0.85 10.09
CA ASP A 376 13.67 -0.20 8.78
C ASP A 376 14.76 0.84 8.57
N ARG A 377 14.99 1.68 9.59
CA ARG A 377 15.99 2.74 9.41
C ARG A 377 17.40 2.17 9.25
N ALA A 378 17.65 0.96 9.74
CA ALA A 378 18.95 0.32 9.54
C ALA A 378 19.18 -0.20 8.11
N LEU A 379 18.14 -0.31 7.30
CA LEU A 379 18.34 -0.77 5.92
C LEU A 379 19.10 0.27 5.11
N LYS A 380 19.91 -0.22 4.17
CA LYS A 380 20.68 0.64 3.29
C LYS A 380 19.85 1.00 2.07
N THR A 381 20.27 2.08 1.39
CA THR A 381 19.51 2.65 0.28
C THR A 381 20.21 2.53 -1.07
N SER A 382 21.53 2.41 -1.09
CA SER A 382 22.26 2.24 -2.34
C SER A 382 23.56 1.51 -2.05
N MET A 383 24.36 1.31 -3.10
CA MET A 383 25.68 0.71 -2.97
C MET A 383 26.73 1.75 -2.59
N LYS B 22 -6.72 26.30 -18.33
CA LYS B 22 -5.61 25.34 -18.26
C LYS B 22 -5.50 24.66 -16.89
N MET B 23 -5.21 23.37 -16.90
CA MET B 23 -5.04 22.62 -15.66
C MET B 23 -3.65 22.80 -15.10
N ARG B 24 -3.58 22.92 -13.77
CA ARG B 24 -2.33 23.12 -13.06
C ARG B 24 -1.77 21.75 -12.68
N VAL B 25 -0.63 21.39 -13.27
CA VAL B 25 -0.02 20.06 -13.11
C VAL B 25 1.18 20.22 -12.19
N GLY B 26 1.11 19.59 -11.02
CA GLY B 26 2.22 19.69 -10.09
C GLY B 26 3.17 18.54 -10.32
N ILE B 27 4.38 18.82 -10.77
CA ILE B 27 5.36 17.78 -11.02
C ILE B 27 6.19 17.66 -9.75
N VAL B 28 6.17 16.48 -9.15
CA VAL B 28 6.94 16.20 -7.95
C VAL B 28 8.13 15.36 -8.37
N PHE B 29 9.35 15.84 -8.11
CA PHE B 29 10.52 15.23 -8.73
C PHE B 29 11.71 15.43 -7.82
N GLY B 30 12.78 14.71 -8.10
CA GLY B 30 13.98 14.77 -7.28
C GLY B 30 13.98 13.67 -6.23
N GLY B 31 14.12 14.06 -4.97
CA GLY B 31 14.04 13.12 -3.88
C GLY B 31 15.39 12.57 -3.43
N LYS B 32 15.32 11.67 -2.46
CA LYS B 32 16.50 11.17 -1.78
C LYS B 32 17.26 10.07 -2.51
N SER B 33 16.70 9.45 -3.54
CA SER B 33 17.32 8.25 -4.08
C SER B 33 18.55 8.57 -4.94
N ALA B 34 19.32 7.53 -5.25
CA ALA B 34 20.44 7.66 -6.17
C ALA B 34 19.97 8.02 -7.58
N GLU B 35 18.67 7.88 -7.87
CA GLU B 35 18.09 8.30 -9.13
C GLU B 35 17.60 9.75 -9.09
N HIS B 36 18.05 10.53 -8.11
CA HIS B 36 17.66 11.94 -8.01
C HIS B 36 17.90 12.66 -9.34
N GLU B 37 19.11 12.55 -9.89
CA GLU B 37 19.46 13.26 -11.12
C GLU B 37 18.63 12.76 -12.30
N VAL B 38 18.34 11.46 -12.35
CA VAL B 38 17.48 10.93 -13.40
C VAL B 38 16.09 11.55 -13.31
N SER B 39 15.56 11.66 -12.08
CA SER B 39 14.28 12.33 -11.87
C SER B 39 14.34 13.78 -12.35
N LEU B 40 15.43 14.49 -12.04
CA LEU B 40 15.57 15.86 -12.56
C LEU B 40 15.48 15.89 -14.08
N GLN B 41 16.17 14.95 -14.77
CA GLN B 41 16.12 14.91 -16.23
C GLN B 41 14.72 14.58 -16.73
N SER B 42 14.05 13.63 -16.07
CA SER B 42 12.64 13.36 -16.39
C SER B 42 11.79 14.61 -16.29
N ALA B 43 11.91 15.35 -15.17
CA ALA B 43 11.09 16.55 -15.02
C ALA B 43 11.42 17.59 -16.09
N LYS B 44 12.71 17.77 -16.39
CA LYS B 44 13.10 18.67 -17.46
C LYS B 44 12.47 18.25 -18.78
N ASN B 45 12.49 16.94 -19.08
CA ASN B 45 11.94 16.50 -20.36
CA ASN B 45 11.94 16.46 -20.35
C ASN B 45 10.42 16.66 -20.40
N ILE B 46 9.75 16.48 -19.26
CA ILE B 46 8.30 16.66 -19.24
C ILE B 46 7.93 18.13 -19.41
N VAL B 47 8.64 19.02 -18.70
CA VAL B 47 8.42 20.46 -18.86
C VAL B 47 8.58 20.90 -20.30
N GLU B 48 9.61 20.38 -21.00
CA GLU B 48 9.84 20.80 -22.36
C GLU B 48 8.80 20.23 -23.33
N ALA B 49 8.21 19.08 -23.03
CA ALA B 49 7.31 18.43 -23.97
C ALA B 49 5.83 18.61 -23.67
N ILE B 50 5.46 18.97 -22.45
CA ILE B 50 4.05 18.99 -22.07
C ILE B 50 3.29 19.98 -22.93
N ASP B 51 2.04 19.63 -23.24
CA ASP B 51 1.18 20.46 -24.08
C ASP B 51 0.81 21.73 -23.30
N LYS B 52 1.46 22.85 -23.66
CA LYS B 52 1.24 24.10 -22.94
C LYS B 52 -0.13 24.70 -23.23
N SER B 53 -0.77 24.29 -24.33
CA SER B 53 -2.13 24.74 -24.57
C SER B 53 -3.11 24.15 -23.57
N ARG B 54 -2.74 23.06 -22.87
CA ARG B 54 -3.65 22.41 -21.93
C ARG B 54 -3.19 22.45 -20.49
N PHE B 55 -1.89 22.58 -20.23
CA PHE B 55 -1.36 22.43 -18.89
C PHE B 55 -0.41 23.56 -18.54
N ASP B 56 -0.56 24.08 -17.32
CA ASP B 56 0.42 24.91 -16.66
C ASP B 56 1.17 24.04 -15.66
N VAL B 57 2.48 24.13 -15.66
CA VAL B 57 3.28 23.29 -14.78
C VAL B 57 3.61 24.05 -13.52
N VAL B 58 3.51 23.38 -12.37
CA VAL B 58 4.01 23.84 -11.08
CA VAL B 58 4.08 23.89 -11.15
C VAL B 58 5.08 22.86 -10.63
N LEU B 59 6.27 23.35 -10.33
CA LEU B 59 7.41 22.49 -9.99
C LEU B 59 7.54 22.32 -8.48
N LEU B 60 7.37 21.09 -8.01
CA LEU B 60 7.51 20.73 -6.59
C LEU B 60 8.75 19.84 -6.48
N GLY B 61 9.92 20.48 -6.42
CA GLY B 61 11.16 19.71 -6.32
C GLY B 61 11.41 19.24 -4.90
N ILE B 62 11.85 17.99 -4.77
CA ILE B 62 12.28 17.44 -3.50
C ILE B 62 13.80 17.36 -3.53
N ASP B 63 14.46 17.97 -2.55
CA ASP B 63 15.91 18.00 -2.57
C ASP B 63 16.48 16.65 -2.11
N LYS B 64 17.80 16.56 -2.14
CA LYS B 64 18.47 15.30 -1.83
C LYS B 64 18.32 14.87 -0.38
N GLN B 65 17.86 15.78 0.49
CA GLN B 65 17.58 15.46 1.89
C GLN B 65 16.12 15.13 2.15
N GLY B 66 15.26 15.22 1.14
CA GLY B 66 13.85 14.86 1.30
C GLY B 66 12.89 16.02 1.50
N LEU B 67 13.39 17.26 1.54
CA LEU B 67 12.51 18.40 1.78
C LEU B 67 11.86 18.85 0.48
N TRP B 68 10.59 19.25 0.56
CA TRP B 68 9.82 19.67 -0.59
C TRP B 68 9.89 21.18 -0.77
N HIS B 69 9.92 21.62 -2.02
CA HIS B 69 10.09 23.04 -2.36
C HIS B 69 9.12 23.40 -3.47
N ILE B 70 8.92 24.71 -3.66
CA ILE B 70 8.22 25.24 -4.82
C ILE B 70 9.27 25.96 -5.68
N ASN B 71 9.46 25.50 -6.91
CA ASN B 71 10.56 25.97 -7.73
C ASN B 71 10.05 26.76 -8.93
N ASP B 72 10.87 27.70 -9.39
CA ASP B 72 10.55 28.58 -10.50
C ASP B 72 11.05 27.91 -11.77
N ALA B 73 10.17 27.73 -12.76
CA ALA B 73 10.58 27.09 -14.00
C ALA B 73 11.72 27.84 -14.68
N GLY B 74 11.86 29.15 -14.42
CA GLY B 74 12.89 29.93 -15.07
C GLY B 74 14.28 29.63 -14.57
N ASN B 75 14.41 29.04 -13.37
CA ASN B 75 15.76 28.82 -12.84
C ASN B 75 15.89 27.58 -11.93
N TYR B 76 14.98 26.62 -12.00
CA TYR B 76 15.01 25.56 -11.00
C TYR B 76 16.18 24.59 -11.16
N LEU B 77 16.89 24.61 -12.28
CA LEU B 77 17.96 23.66 -12.53
C LEU B 77 19.29 24.36 -12.67
N LEU B 78 20.29 23.87 -11.92
CA LEU B 78 21.68 24.22 -12.11
C LEU B 78 22.34 23.22 -13.05
N ASN B 79 23.23 23.71 -13.93
CA ASN B 79 23.92 22.89 -14.92
C ASN B 79 22.93 22.03 -15.72
N ALA B 80 21.81 22.65 -16.12
CA ALA B 80 20.71 21.87 -16.66
C ALA B 80 21.10 21.09 -17.90
N GLN B 81 22.06 21.59 -18.68
CA GLN B 81 22.45 20.94 -19.93
C GLN B 81 23.59 19.94 -19.76
N ASP B 82 23.90 19.56 -18.53
CA ASP B 82 25.00 18.64 -18.23
C ASP B 82 24.47 17.47 -17.39
N PRO B 83 24.32 16.28 -17.97
CA PRO B 83 23.72 15.16 -17.21
C PRO B 83 24.56 14.73 -16.03
N ALA B 84 25.85 15.08 -15.99
CA ALA B 84 26.71 14.68 -14.90
C ALA B 84 26.70 15.67 -13.75
N ARG B 85 26.03 16.81 -13.91
CA ARG B 85 26.06 17.88 -12.91
C ARG B 85 24.72 18.56 -12.71
N ILE B 86 23.66 18.12 -13.40
CA ILE B 86 22.34 18.71 -13.22
C ILE B 86 21.96 18.65 -11.74
N ALA B 87 21.42 19.75 -11.23
CA ALA B 87 21.11 19.85 -9.80
C ALA B 87 19.90 20.76 -9.60
N LEU B 88 19.20 20.53 -8.50
CA LEU B 88 18.04 21.34 -8.14
C LEU B 88 18.52 22.62 -7.46
N ARG B 89 18.12 23.77 -7.99
CA ARG B 89 18.55 25.02 -7.38
C ARG B 89 17.95 25.13 -5.97
N PRO B 90 18.75 25.43 -4.95
CA PRO B 90 18.21 25.59 -3.59
C PRO B 90 17.16 26.69 -3.52
N SER B 91 16.25 26.56 -2.55
CA SER B 91 15.04 27.36 -2.43
C SER B 91 14.80 27.67 -0.96
N THR B 92 14.23 28.85 -0.69
CA THR B 92 13.91 29.25 0.68
C THR B 92 12.61 28.66 1.20
N VAL B 93 11.75 28.17 0.35
CA VAL B 93 10.46 27.68 0.80
C VAL B 93 10.54 26.20 1.05
N THR B 94 10.04 25.77 2.19
CA THR B 94 9.80 24.36 2.50
C THR B 94 8.30 24.13 2.47
N LEU B 95 7.85 23.05 1.85
CA LEU B 95 6.41 22.80 1.83
C LEU B 95 5.97 21.93 3.00
N ALA B 96 4.77 22.19 3.48
CA ALA B 96 4.11 21.38 4.49
C ALA B 96 2.73 20.98 3.97
N GLN B 97 2.20 19.88 4.52
CA GLN B 97 0.86 19.41 4.19
C GLN B 97 -0.02 19.49 5.42
N ILE B 98 -1.22 20.03 5.25
CA ILE B 98 -2.25 19.98 6.30
C ILE B 98 -3.09 18.75 6.02
N PRO B 99 -2.94 17.66 6.76
CA PRO B 99 -3.65 16.43 6.43
C PRO B 99 -5.16 16.64 6.50
N GLY B 100 -5.87 15.96 5.60
CA GLY B 100 -7.32 15.98 5.60
C GLY B 100 -7.97 17.15 4.90
N ARG B 101 -7.22 18.22 4.65
CA ARG B 101 -7.76 19.30 3.83
C ARG B 101 -7.96 18.83 2.39
N GLU B 102 -9.03 19.34 1.78
CA GLU B 102 -9.31 19.08 0.37
C GLU B 102 -9.02 20.29 -0.50
N ALA B 103 -8.70 21.42 0.10
CA ALA B 103 -8.26 22.61 -0.59
C ALA B 103 -7.23 23.27 0.30
N GLN B 104 -6.30 24.01 -0.32
CA GLN B 104 -5.19 24.62 0.40
C GLN B 104 -4.45 23.56 1.22
N GLN B 105 -4.19 22.42 0.56
CA GLN B 105 -3.59 21.28 1.25
C GLN B 105 -2.09 21.49 1.54
N LEU B 106 -1.40 22.19 0.67
CA LEU B 106 0.04 22.42 0.80
C LEU B 106 0.26 23.89 1.11
N ILE B 107 1.09 24.15 2.11
CA ILE B 107 1.44 25.51 2.48
C ILE B 107 2.96 25.70 2.33
N ASN B 108 3.32 26.96 2.18
CA ASN B 108 4.65 27.49 2.43
C ASN B 108 4.90 27.43 3.93
N ALA B 109 5.76 26.52 4.39
CA ALA B 109 5.90 26.35 5.84
C ALA B 109 6.45 27.60 6.52
N GLU B 110 7.29 28.36 5.81
CA GLU B 110 7.91 29.56 6.38
C GLU B 110 6.92 30.71 6.52
N SER B 111 5.88 30.76 5.69
CA SER B 111 4.95 31.88 5.74
C SER B 111 3.54 31.48 6.15
N GLY B 112 3.23 30.19 6.25
CA GLY B 112 1.88 29.74 6.52
C GLY B 112 0.92 29.93 5.37
N GLN B 113 1.38 30.43 4.24
CA GLN B 113 0.38 30.72 3.23
C GLN B 113 0.18 29.53 2.28
N PRO B 114 -1.04 29.29 1.82
CA PRO B 114 -1.28 28.12 0.96
C PRO B 114 -0.73 28.32 -0.44
N LEU B 115 -0.31 27.21 -1.05
CA LEU B 115 -0.08 27.21 -2.50
C LEU B 115 -1.42 27.27 -3.23
N ALA B 116 -1.41 27.90 -4.41
CA ALA B 116 -2.60 27.87 -5.25
C ALA B 116 -2.96 26.44 -5.61
N ALA B 117 -4.25 26.18 -5.77
CA ALA B 117 -4.75 24.83 -6.01
C ALA B 117 -4.03 24.18 -7.18
N ILE B 118 -3.66 22.91 -7.00
CA ILE B 118 -3.06 22.08 -8.02
C ILE B 118 -4.09 21.06 -8.45
N ASP B 119 -4.29 20.92 -9.76
CA ASP B 119 -5.35 20.03 -10.26
C ASP B 119 -4.95 18.57 -10.31
N VAL B 120 -3.66 18.29 -10.51
CA VAL B 120 -3.22 16.91 -10.69
C VAL B 120 -1.72 16.89 -10.46
N ILE B 121 -1.25 15.80 -9.85
CA ILE B 121 0.17 15.60 -9.53
C ILE B 121 0.75 14.59 -10.51
N PHE B 122 1.92 14.90 -11.06
CA PHE B 122 2.69 13.95 -11.86
C PHE B 122 3.91 13.60 -11.02
N PRO B 123 3.87 12.50 -10.26
CA PRO B 123 5.00 12.16 -9.38
C PRO B 123 6.05 11.36 -10.15
N ILE B 124 7.30 11.78 -10.09
CA ILE B 124 8.39 11.03 -10.71
C ILE B 124 9.56 10.98 -9.74
N VAL B 125 9.28 10.55 -8.51
CA VAL B 125 10.28 10.44 -7.44
C VAL B 125 10.69 8.98 -7.36
N HIS B 126 11.83 8.64 -7.94
CA HIS B 126 12.30 7.27 -7.88
C HIS B 126 12.74 6.91 -6.46
N GLY B 127 12.82 5.62 -6.20
CA GLY B 127 13.27 5.12 -4.91
C GLY B 127 12.12 4.74 -3.99
N THR B 128 12.51 4.37 -2.77
CA THR B 128 11.59 3.77 -1.80
C THR B 128 10.28 4.53 -1.65
N LEU B 129 10.29 5.65 -0.92
CA LEU B 129 9.05 6.33 -0.56
C LEU B 129 8.26 6.77 -1.79
N GLY B 130 8.96 7.19 -2.84
CA GLY B 130 8.25 7.73 -4.00
C GLY B 130 7.53 6.68 -4.83
N GLU B 131 7.96 5.42 -4.74
CA GLU B 131 7.38 4.35 -5.56
C GLU B 131 6.67 3.27 -4.76
N ASP B 132 6.85 3.21 -3.44
CA ASP B 132 6.35 2.07 -2.70
C ASP B 132 4.96 2.30 -2.12
N GLY B 133 4.29 3.37 -2.53
CA GLY B 133 2.97 3.67 -2.02
C GLY B 133 2.94 4.74 -0.95
N SER B 134 4.08 5.07 -0.34
CA SER B 134 4.07 6.08 0.71
C SER B 134 3.72 7.44 0.15
N LEU B 135 4.42 7.86 -0.92
CA LEU B 135 4.10 9.13 -1.55
C LEU B 135 2.65 9.16 -2.03
N GLN B 136 2.20 8.07 -2.66
CA GLN B 136 0.82 7.96 -3.10
C GLN B 136 -0.14 8.09 -1.93
N GLY B 137 0.21 7.51 -0.77
CA GLY B 137 -0.63 7.67 0.41
C GLY B 137 -0.75 9.12 0.86
N MET B 138 0.38 9.85 0.88
CA MET B 138 0.34 11.27 1.20
C MET B 138 -0.54 12.05 0.23
N LEU B 139 -0.46 11.75 -1.08
CA LEU B 139 -1.27 12.48 -2.05
C LEU B 139 -2.75 12.16 -1.90
N ARG B 140 -3.07 10.90 -1.61
CA ARG B 140 -4.44 10.54 -1.27
C ARG B 140 -4.94 11.30 -0.05
N MET B 141 -4.11 11.43 0.98
CA MET B 141 -4.53 12.20 2.16
C MET B 141 -4.79 13.66 1.85
N ALA B 142 -4.26 14.17 0.73
CA ALA B 142 -4.52 15.52 0.25
C ALA B 142 -5.64 15.59 -0.78
N ASN B 143 -6.25 14.44 -1.12
CA ASN B 143 -7.28 14.36 -2.18
CA ASN B 143 -7.28 14.38 -2.15
C ASN B 143 -6.77 14.98 -3.47
N LEU B 144 -5.46 14.73 -3.77
CA LEU B 144 -4.91 15.20 -5.05
C LEU B 144 -4.96 14.08 -6.07
N PRO B 145 -5.53 14.28 -7.26
CA PRO B 145 -5.38 13.30 -8.32
C PRO B 145 -3.90 13.16 -8.67
N PHE B 146 -3.48 11.96 -9.04
CA PHE B 146 -2.06 11.78 -9.38
C PHE B 146 -1.89 10.69 -10.42
N VAL B 147 -0.84 10.85 -11.24
CA VAL B 147 -0.51 9.94 -12.32
C VAL B 147 0.05 8.66 -11.73
N GLY B 148 -0.28 7.53 -12.34
CA GLY B 148 0.33 6.28 -11.95
C GLY B 148 -0.52 5.48 -10.99
N SER B 149 0.09 4.43 -10.48
CA SER B 149 -0.65 3.47 -9.68
C SER B 149 -0.98 4.01 -8.28
N ASP B 150 -2.05 3.48 -7.72
CA ASP B 150 -2.52 3.94 -6.41
CA ASP B 150 -2.54 3.90 -6.42
C ASP B 150 -1.67 3.27 -5.33
N VAL B 151 -2.07 3.42 -4.04
CA VAL B 151 -1.25 2.95 -2.93
C VAL B 151 -0.98 1.46 -3.07
N LEU B 152 -2.05 0.66 -3.22
CA LEU B 152 -1.86 -0.79 -3.22
C LEU B 152 -1.09 -1.26 -4.45
N GLY B 153 -1.46 -0.76 -5.63
CA GLY B 153 -0.73 -1.17 -6.81
C GLY B 153 0.75 -0.83 -6.74
N SER B 154 1.06 0.38 -6.28
CA SER B 154 2.45 0.79 -6.10
C SER B 154 3.19 -0.10 -5.10
N ALA B 155 2.60 -0.30 -3.92
CA ALA B 155 3.25 -1.09 -2.88
C ALA B 155 3.41 -2.54 -3.31
N ALA B 156 2.39 -3.11 -3.97
CA ALA B 156 2.45 -4.51 -4.37
C ALA B 156 3.49 -4.73 -5.48
N CYS B 157 3.52 -3.86 -6.49
CA CYS B 157 4.52 -3.98 -7.55
C CYS B 157 5.94 -3.74 -7.03
N MET B 158 6.09 -2.91 -6.00
CA MET B 158 7.42 -2.69 -5.44
C MET B 158 7.98 -3.96 -4.81
N ASP B 159 7.12 -4.81 -4.25
CA ASP B 159 7.55 -6.00 -3.52
C ASP B 159 7.55 -7.17 -4.49
N LYS B 160 8.75 -7.65 -4.87
CA LYS B 160 8.79 -8.67 -5.92
C LYS B 160 8.17 -9.97 -5.43
N ASP B 161 8.25 -10.23 -4.13
CA ASP B 161 7.63 -11.44 -3.57
C ASP B 161 6.10 -11.37 -3.70
N VAL B 162 5.51 -10.23 -3.34
CA VAL B 162 4.05 -10.10 -3.47
C VAL B 162 3.64 -10.17 -4.95
N THR B 163 4.37 -9.46 -5.81
CA THR B 163 4.09 -9.49 -7.25
C THR B 163 4.12 -10.92 -7.78
N LYS B 164 5.18 -11.66 -7.46
CA LYS B 164 5.30 -13.01 -8.00
C LYS B 164 4.20 -13.93 -7.48
N ARG B 165 3.79 -13.76 -6.21
CA ARG B 165 2.72 -14.61 -5.69
C ARG B 165 1.39 -14.30 -6.37
N LEU B 166 1.08 -13.02 -6.55
CA LEU B 166 -0.16 -12.68 -7.25
C LEU B 166 -0.13 -13.14 -8.72
N LEU B 167 1.02 -13.01 -9.39
CA LEU B 167 1.11 -13.49 -10.78
C LEU B 167 0.93 -15.00 -10.86
N ARG B 168 1.62 -15.72 -9.98
CA ARG B 168 1.51 -17.17 -9.92
C ARG B 168 0.06 -17.58 -9.67
N ASP B 169 -0.61 -16.92 -8.72
CA ASP B 169 -2.01 -17.21 -8.44
C ASP B 169 -2.87 -16.99 -9.67
N ALA B 170 -2.54 -15.97 -10.47
CA ALA B 170 -3.24 -15.69 -11.71
C ALA B 170 -2.93 -16.68 -12.84
N GLY B 171 -2.02 -17.64 -12.64
CA GLY B 171 -1.67 -18.56 -13.68
C GLY B 171 -0.60 -18.07 -14.64
N LEU B 172 0.01 -16.92 -14.36
CA LEU B 172 1.10 -16.43 -15.19
C LEU B 172 2.43 -16.99 -14.69
N ALA B 173 3.43 -17.01 -15.57
CA ALA B 173 4.70 -17.66 -15.25
C ALA B 173 5.66 -16.69 -14.56
N VAL B 174 6.30 -17.16 -13.48
CA VAL B 174 7.36 -16.43 -12.78
C VAL B 174 8.47 -17.42 -12.49
N ALA B 175 9.66 -16.91 -12.18
CA ALA B 175 10.76 -17.81 -11.82
C ALA B 175 10.44 -18.54 -10.52
N PRO B 176 10.56 -19.86 -10.47
CA PRO B 176 10.37 -20.57 -9.19
C PRO B 176 11.28 -19.97 -8.13
N PHE B 177 10.80 -19.92 -6.90
CA PHE B 177 11.48 -19.08 -5.94
C PHE B 177 11.10 -19.47 -4.52
N ILE B 178 11.95 -19.04 -3.58
CA ILE B 178 11.56 -19.00 -2.17
C ILE B 178 11.88 -17.60 -1.68
N THR B 179 11.17 -17.19 -0.63
CA THR B 179 11.39 -15.86 -0.06
C THR B 179 11.90 -16.04 1.36
N LEU B 180 13.12 -15.55 1.60
CA LEU B 180 13.71 -15.56 2.93
C LEU B 180 13.23 -14.35 3.70
N THR B 181 13.04 -14.53 5.01
CA THR B 181 12.68 -13.46 5.92
C THR B 181 13.65 -13.49 7.09
N ARG B 182 13.60 -12.44 7.91
CA ARG B 182 14.41 -12.42 9.12
C ARG B 182 14.08 -13.61 10.01
N ALA B 183 12.83 -14.03 10.04
CA ALA B 183 12.44 -15.14 10.91
C ALA B 183 12.92 -16.48 10.35
N ASN B 184 12.72 -16.72 9.05
CA ASN B 184 12.96 -18.04 8.48
C ASN B 184 14.35 -18.18 7.88
N ARG B 185 15.16 -17.12 7.95
CA ARG B 185 16.42 -17.05 7.21
C ARG B 185 17.33 -18.24 7.47
N ALA B 186 17.41 -18.67 8.73
CA ALA B 186 18.28 -19.78 9.12
C ALA B 186 17.60 -21.13 9.01
N GLN B 187 16.32 -21.19 8.64
CA GLN B 187 15.66 -22.47 8.43
C GLN B 187 16.07 -23.09 7.10
N PHE B 188 16.47 -22.29 6.13
CA PHE B 188 16.81 -22.75 4.79
C PHE B 188 18.32 -22.87 4.69
N SER B 189 18.82 -24.10 4.58
CA SER B 189 20.22 -24.30 4.27
C SER B 189 20.45 -24.09 2.78
N PHE B 190 21.72 -23.95 2.40
CA PHE B 190 22.01 -23.87 0.97
C PHE B 190 21.57 -25.14 0.26
N ALA B 191 21.80 -26.30 0.90
CA ALA B 191 21.39 -27.56 0.31
C ALA B 191 19.89 -27.62 0.06
N ASP B 192 19.10 -27.16 1.03
CA ASP B 192 17.64 -27.09 0.83
C ASP B 192 17.29 -26.25 -0.38
N VAL B 193 17.92 -25.07 -0.50
CA VAL B 193 17.62 -24.17 -1.60
C VAL B 193 18.03 -24.79 -2.93
N GLU B 194 19.23 -25.38 -3.00
CA GLU B 194 19.64 -25.98 -4.27
C GLU B 194 18.71 -27.13 -4.64
N ALA B 195 18.31 -27.93 -3.66
CA ALA B 195 17.41 -29.04 -3.93
C ALA B 195 16.09 -28.54 -4.51
N LYS B 196 15.56 -27.44 -3.97
CA LYS B 196 14.30 -26.94 -4.49
C LYS B 196 14.45 -26.22 -5.81
N LEU B 197 15.50 -25.41 -5.99
CA LEU B 197 15.53 -24.48 -7.11
C LEU B 197 16.64 -24.73 -8.12
N GLY B 198 17.68 -25.47 -7.76
CA GLY B 198 18.78 -25.72 -8.66
C GLY B 198 19.74 -24.55 -8.71
N LEU B 199 20.74 -24.68 -9.56
CA LEU B 199 21.70 -23.61 -9.78
C LEU B 199 21.78 -23.33 -11.27
N PRO B 200 22.07 -22.08 -11.67
CA PRO B 200 22.34 -20.90 -10.84
C PRO B 200 21.07 -20.31 -10.25
N LEU B 201 21.27 -19.47 -9.25
CA LEU B 201 20.19 -18.75 -8.59
C LEU B 201 20.42 -17.27 -8.74
N PHE B 202 19.33 -16.50 -8.65
CA PHE B 202 19.44 -15.06 -8.50
C PHE B 202 18.82 -14.68 -7.17
N VAL B 203 19.57 -13.87 -6.41
CA VAL B 203 19.19 -13.43 -5.07
C VAL B 203 18.94 -11.94 -5.12
N LYS B 204 17.81 -11.49 -4.58
CA LYS B 204 17.50 -10.05 -4.64
C LYS B 204 16.67 -9.63 -3.44
N PRO B 205 16.82 -8.40 -2.97
CA PRO B 205 15.88 -7.89 -1.97
C PRO B 205 14.50 -7.83 -2.61
N ALA B 206 13.47 -8.10 -1.80
CA ALA B 206 12.11 -8.07 -2.35
C ALA B 206 11.76 -6.66 -2.79
N ASN B 207 12.17 -5.67 -2.02
CA ASN B 207 11.82 -4.26 -2.21
C ASN B 207 13.11 -3.48 -2.39
N GLN B 208 13.38 -3.02 -3.61
CA GLN B 208 14.49 -2.09 -3.82
C GLN B 208 14.29 -1.33 -5.12
N SER B 211 18.32 -2.16 -9.68
CA SER B 211 18.60 -3.53 -9.27
C SER B 211 19.76 -3.64 -8.28
N VAL B 212 19.73 -2.87 -7.20
CA VAL B 212 20.82 -2.98 -6.25
C VAL B 212 20.55 -4.17 -5.33
N GLY B 213 21.62 -4.84 -4.94
CA GLY B 213 21.49 -6.02 -4.12
C GLY B 213 21.20 -7.30 -4.87
N VAL B 214 21.19 -7.28 -6.20
CA VAL B 214 20.92 -8.48 -6.99
C VAL B 214 22.23 -9.19 -7.29
N SER B 215 22.28 -10.50 -7.01
CA SER B 215 23.46 -11.31 -7.28
C SER B 215 23.09 -12.57 -8.05
N LYS B 216 23.96 -12.96 -8.97
CA LYS B 216 23.91 -14.29 -9.59
C LYS B 216 24.76 -15.23 -8.74
N VAL B 217 24.21 -16.39 -8.42
CA VAL B 217 24.84 -17.32 -7.47
C VAL B 217 25.08 -18.65 -8.17
N LYS B 218 26.35 -19.11 -8.16
CA LYS B 218 26.72 -20.38 -8.77
C LYS B 218 27.25 -21.41 -7.79
N ASN B 219 27.40 -21.07 -6.51
CA ASN B 219 27.87 -22.01 -5.50
C ASN B 219 27.48 -21.49 -4.12
N GLU B 220 27.83 -22.27 -3.10
CA GLU B 220 27.38 -21.94 -1.74
C GLU B 220 28.08 -20.69 -1.21
N GLU B 221 29.37 -20.53 -1.49
CA GLU B 221 30.10 -19.35 -1.05
C GLU B 221 29.44 -18.08 -1.56
N GLN B 222 29.08 -18.06 -2.85
CA GLN B 222 28.38 -16.91 -3.42
C GLN B 222 26.99 -16.75 -2.83
N TYR B 223 26.32 -17.86 -2.51
CA TYR B 223 24.97 -17.79 -1.97
C TYR B 223 24.95 -17.04 -0.64
N HIS B 224 25.81 -17.43 0.31
CA HIS B 224 25.79 -16.76 1.61
C HIS B 224 26.14 -15.29 1.48
N GLN B 225 27.11 -14.96 0.62
CA GLN B 225 27.45 -13.55 0.38
C GLN B 225 26.27 -12.78 -0.23
N ALA B 226 25.57 -13.41 -1.17
CA ALA B 226 24.44 -12.75 -1.85
C ALA B 226 23.27 -12.52 -0.91
N VAL B 227 22.96 -13.50 -0.06
CA VAL B 227 21.88 -13.36 0.90
C VAL B 227 22.20 -12.25 1.90
N ALA B 228 23.44 -12.23 2.42
CA ALA B 228 23.82 -11.16 3.34
C ALA B 228 23.66 -9.80 2.68
N LEU B 229 24.09 -9.69 1.42
CA LEU B 229 23.97 -8.43 0.69
C LEU B 229 22.51 -8.01 0.54
N ALA B 230 21.65 -8.92 0.10
CA ALA B 230 20.23 -8.57 -0.09
C ALA B 230 19.57 -8.18 1.24
N PHE B 231 19.94 -8.82 2.34
CA PHE B 231 19.38 -8.42 3.63
C PHE B 231 19.89 -7.07 4.13
N GLU B 232 20.88 -6.46 3.47
CA GLU B 232 21.21 -5.07 3.78
C GLU B 232 20.14 -4.09 3.32
N PHE B 233 19.33 -4.45 2.33
CA PHE B 233 18.39 -3.56 1.66
C PHE B 233 16.93 -3.81 1.98
N ASP B 234 16.58 -4.99 2.46
CA ASP B 234 15.18 -5.29 2.75
C ASP B 234 15.14 -6.38 3.80
N HIS B 235 13.96 -6.57 4.40
CA HIS B 235 13.73 -7.62 5.39
C HIS B 235 13.30 -8.92 4.74
N LYS B 236 13.11 -8.92 3.42
CA LYS B 236 12.70 -10.08 2.65
C LYS B 236 13.65 -10.21 1.45
N VAL B 237 14.05 -11.44 1.15
CA VAL B 237 15.00 -11.71 0.09
C VAL B 237 14.44 -12.79 -0.80
N VAL B 238 14.27 -12.50 -2.08
CA VAL B 238 13.79 -13.47 -3.06
C VAL B 238 14.98 -14.26 -3.60
N VAL B 239 14.89 -15.57 -3.56
CA VAL B 239 15.91 -16.46 -4.13
C VAL B 239 15.21 -17.24 -5.25
N GLU B 240 15.65 -17.05 -6.49
CA GLU B 240 14.89 -17.61 -7.59
C GLU B 240 15.78 -18.38 -8.54
N GLN B 241 15.11 -19.29 -9.24
CA GLN B 241 15.73 -20.08 -10.28
C GLN B 241 16.23 -19.19 -11.41
N GLY B 242 17.44 -19.42 -11.86
CA GLY B 242 17.93 -18.70 -13.03
C GLY B 242 17.14 -19.08 -14.27
N ILE B 243 16.70 -18.09 -15.01
CA ILE B 243 15.96 -18.27 -16.25
C ILE B 243 16.90 -18.03 -17.42
N LYS B 244 16.83 -18.88 -18.43
CA LYS B 244 17.59 -18.72 -19.66
C LYS B 244 16.67 -18.08 -20.71
N GLY B 245 16.94 -16.84 -21.08
CA GLY B 245 16.09 -16.24 -22.09
C GLY B 245 16.50 -14.82 -22.40
N ARG B 246 15.82 -14.25 -23.39
CA ARG B 246 16.09 -12.88 -23.78
C ARG B 246 15.33 -11.94 -22.86
N GLU B 247 15.90 -10.76 -22.64
CA GLU B 247 15.34 -9.79 -21.70
C GLU B 247 14.51 -8.79 -22.50
N ILE B 248 13.21 -8.85 -22.33
CA ILE B 248 12.24 -8.11 -23.14
C ILE B 248 11.44 -7.23 -22.20
N GLU B 249 11.10 -6.02 -22.68
CA GLU B 249 10.34 -5.06 -21.89
C GLU B 249 9.17 -4.55 -22.73
N CYS B 250 8.08 -4.23 -22.04
CA CYS B 250 6.86 -3.80 -22.70
C CYS B 250 6.20 -2.71 -21.87
N ALA B 251 5.77 -1.65 -22.53
CA ALA B 251 5.19 -0.48 -21.87
C ALA B 251 3.67 -0.59 -21.91
N VAL B 252 3.02 -0.45 -20.75
CA VAL B 252 1.56 -0.56 -20.67
C VAL B 252 1.02 0.79 -20.22
N LEU B 253 -0.11 1.19 -20.81
CA LEU B 253 -0.70 2.49 -20.57
C LEU B 253 -2.20 2.32 -20.42
N GLY B 254 -2.78 2.91 -19.39
CA GLY B 254 -4.22 2.83 -19.25
C GLY B 254 -4.70 2.57 -17.84
N ASN B 255 -6.03 2.62 -17.66
CA ASN B 255 -6.67 2.30 -16.40
C ASN B 255 -7.42 0.99 -16.62
N ASP B 256 -8.75 1.01 -16.87
CA ASP B 256 -9.52 -0.21 -17.04
C ASP B 256 -9.32 -0.88 -18.38
N HIS B 257 -8.83 -0.16 -19.40
CA HIS B 257 -8.63 -0.73 -20.73
C HIS B 257 -7.21 -0.49 -21.18
N PRO B 258 -6.26 -1.10 -20.50
CA PRO B 258 -4.85 -0.83 -20.78
C PRO B 258 -4.45 -1.38 -22.14
N GLN B 259 -3.47 -0.70 -22.73
CA GLN B 259 -2.89 -1.03 -24.03
C GLN B 259 -1.39 -1.22 -23.88
N ALA B 260 -0.83 -2.15 -24.64
CA ALA B 260 0.60 -2.43 -24.60
C ALA B 260 1.31 -1.87 -25.83
N SER B 261 2.47 -1.28 -25.60
CA SER B 261 3.34 -0.87 -26.69
C SER B 261 3.92 -2.11 -27.40
N THR B 262 4.69 -1.87 -28.46
CA THR B 262 5.55 -2.92 -28.99
C THR B 262 6.62 -3.27 -27.94
N CYS B 263 7.22 -4.45 -28.07
CA CYS B 263 8.26 -4.85 -27.13
C CYS B 263 9.64 -4.30 -27.51
N GLY B 264 10.50 -4.17 -26.49
CA GLY B 264 11.89 -3.80 -26.69
C GLY B 264 12.80 -4.85 -26.06
N GLU B 265 14.06 -4.90 -26.50
CA GLU B 265 14.99 -5.88 -25.95
C GLU B 265 16.21 -5.20 -25.37
N ILE B 266 16.72 -5.75 -24.28
CA ILE B 266 18.00 -5.36 -23.70
C ILE B 266 19.00 -6.45 -24.05
N VAL B 267 20.03 -6.08 -24.78
CA VAL B 267 21.10 -7.00 -25.14
C VAL B 267 22.40 -6.61 -24.44
N GLN B 286 23.06 -3.04 -24.97
CA GLN B 286 22.32 -2.36 -26.03
C GLN B 286 20.79 -2.45 -25.86
N VAL B 287 20.09 -1.40 -26.30
CA VAL B 287 18.64 -1.37 -26.31
C VAL B 287 18.17 -1.47 -27.76
N VAL B 288 17.29 -2.43 -28.03
CA VAL B 288 16.79 -2.67 -29.38
C VAL B 288 15.29 -2.48 -29.35
N VAL B 289 14.82 -1.44 -30.04
CA VAL B 289 13.42 -1.07 -30.07
C VAL B 289 13.07 -0.89 -31.53
N PRO B 290 12.09 -1.63 -32.08
CA PRO B 290 11.38 -2.74 -31.45
C PRO B 290 12.28 -3.98 -31.33
N ALA B 291 11.96 -4.88 -30.41
CA ALA B 291 12.70 -6.15 -30.31
C ALA B 291 12.58 -6.93 -31.61
N ALA B 292 13.68 -7.59 -31.99
CA ALA B 292 13.71 -8.45 -33.18
C ALA B 292 13.15 -9.83 -32.84
N ILE B 293 11.82 -9.87 -32.69
CA ILE B 293 11.06 -11.09 -32.43
C ILE B 293 9.91 -11.16 -33.41
N ALA B 294 9.41 -12.37 -33.60
CA ALA B 294 8.27 -12.56 -34.49
C ALA B 294 7.06 -11.75 -34.01
N PRO B 295 6.25 -11.21 -34.93
CA PRO B 295 5.06 -10.46 -34.50
C PRO B 295 4.13 -11.25 -33.59
N GLU B 296 3.94 -12.54 -33.89
CA GLU B 296 3.15 -13.41 -33.00
C GLU B 296 3.73 -13.41 -31.58
N ILE B 297 5.05 -13.44 -31.45
CA ILE B 297 5.66 -13.44 -30.11
C ILE B 297 5.60 -12.06 -29.48
N ASN B 298 5.80 -11.00 -30.28
CA ASN B 298 5.55 -9.65 -29.80
C ASN B 298 4.17 -9.58 -29.16
N ASP B 299 3.15 -10.09 -29.86
CA ASP B 299 1.78 -9.94 -29.36
C ASP B 299 1.53 -10.85 -28.17
N LYS B 300 2.17 -12.02 -28.13
CA LYS B 300 2.03 -12.90 -26.96
C LYS B 300 2.53 -12.20 -25.70
N ILE B 301 3.72 -11.60 -25.76
CA ILE B 301 4.28 -10.88 -24.62
C ILE B 301 3.42 -9.68 -24.26
N ARG B 302 2.94 -8.93 -25.28
CA ARG B 302 2.08 -7.79 -25.01
C ARG B 302 0.83 -8.20 -24.23
N ALA B 303 0.19 -9.28 -24.65
CA ALA B 303 -1.04 -9.70 -23.97
C ALA B 303 -0.73 -10.17 -22.55
N ILE B 304 0.39 -10.84 -22.35
CA ILE B 304 0.78 -11.23 -20.99
C ILE B 304 1.10 -10.00 -20.15
N ALA B 305 1.75 -9.01 -20.74
CA ALA B 305 2.04 -7.77 -20.00
C ALA B 305 0.75 -7.11 -19.54
N VAL B 306 -0.29 -7.10 -20.40
CA VAL B 306 -1.57 -6.53 -20.01
C VAL B 306 -2.21 -7.36 -18.88
N GLN B 307 -2.15 -8.69 -18.97
CA GLN B 307 -2.69 -9.51 -17.89
C GLN B 307 -1.97 -9.23 -16.58
N ALA B 308 -0.64 -9.15 -16.64
CA ALA B 308 0.13 -8.91 -15.42
C ALA B 308 -0.25 -7.57 -14.80
N TYR B 309 -0.37 -6.55 -15.64
CA TYR B 309 -0.80 -5.22 -15.22
C TYR B 309 -2.14 -5.26 -14.50
N GLN B 310 -3.08 -6.02 -15.07
CA GLN B 310 -4.41 -6.15 -14.46
C GLN B 310 -4.32 -6.93 -13.16
N THR B 311 -3.48 -7.97 -13.13
CA THR B 311 -3.36 -8.79 -11.92
C THR B 311 -2.88 -7.97 -10.74
N LEU B 312 -1.96 -7.05 -10.98
CA LEU B 312 -1.37 -6.25 -9.92
C LEU B 312 -2.14 -4.96 -9.63
N GLY B 313 -3.21 -4.68 -10.36
CA GLY B 313 -4.03 -3.51 -10.05
C GLY B 313 -3.35 -2.20 -10.38
N CYS B 314 -2.48 -2.19 -11.39
CA CYS B 314 -1.80 -0.95 -11.78
C CYS B 314 -2.78 0.03 -12.40
N SER B 315 -2.39 1.29 -12.40
CA SER B 315 -3.13 2.30 -13.17
CA SER B 315 -3.13 2.36 -13.07
C SER B 315 -2.14 3.28 -13.75
N GLY B 316 -2.60 3.95 -14.81
CA GLY B 316 -1.79 4.92 -15.53
C GLY B 316 -0.74 4.29 -16.41
N MET B 317 0.33 3.79 -15.82
CA MET B 317 1.39 3.21 -16.63
C MET B 317 2.17 2.18 -15.83
N ALA B 318 2.84 1.29 -16.56
CA ALA B 318 3.83 0.43 -15.95
C ALA B 318 4.71 -0.12 -17.06
N ARG B 319 5.93 -0.48 -16.70
CA ARG B 319 6.80 -1.23 -17.60
C ARG B 319 6.89 -2.66 -17.07
N VAL B 320 6.65 -3.63 -17.94
CA VAL B 320 6.67 -5.04 -17.58
C VAL B 320 7.93 -5.63 -18.22
N ASP B 321 8.76 -6.22 -17.39
CA ASP B 321 10.00 -6.84 -17.81
C ASP B 321 9.85 -8.36 -17.72
N VAL B 322 10.19 -9.06 -18.80
CA VAL B 322 10.02 -10.49 -18.87
C VAL B 322 11.29 -11.13 -19.44
N PHE B 323 11.39 -12.43 -19.25
CA PHE B 323 12.34 -13.27 -19.96
C PHE B 323 11.58 -14.08 -21.02
N LEU B 324 12.13 -14.12 -22.22
CA LEU B 324 11.59 -14.91 -23.31
C LEU B 324 12.49 -16.13 -23.51
N THR B 325 12.00 -17.31 -23.15
CA THR B 325 12.82 -18.51 -23.24
C THR B 325 12.89 -19.00 -24.68
N ALA B 326 13.77 -19.99 -24.92
CA ALA B 326 13.95 -20.49 -26.28
C ALA B 326 12.69 -21.19 -26.80
N ASP B 327 11.90 -21.76 -25.90
CA ASP B 327 10.61 -22.33 -26.23
C ASP B 327 9.51 -21.27 -26.34
N ASN B 328 9.87 -19.99 -26.26
CA ASN B 328 8.94 -18.87 -26.32
C ASN B 328 8.02 -18.79 -25.11
N GLU B 329 8.39 -19.39 -23.98
CA GLU B 329 7.67 -19.13 -22.75
C GLU B 329 8.06 -17.76 -22.22
N VAL B 330 7.10 -17.09 -21.60
CA VAL B 330 7.28 -15.70 -21.15
C VAL B 330 7.26 -15.72 -19.63
N VAL B 331 8.39 -15.42 -19.02
CA VAL B 331 8.53 -15.46 -17.56
C VAL B 331 8.62 -14.03 -17.05
N ILE B 332 7.65 -13.62 -16.24
CA ILE B 332 7.58 -12.22 -15.83
C ILE B 332 8.57 -11.98 -14.69
N ASN B 333 9.44 -10.98 -14.86
CA ASN B 333 10.44 -10.64 -13.87
C ASN B 333 10.00 -9.52 -12.94
N GLU B 334 9.35 -8.48 -13.47
CA GLU B 334 9.16 -7.27 -12.69
C GLU B 334 8.05 -6.46 -13.34
N ILE B 335 7.29 -5.76 -12.51
CA ILE B 335 6.34 -4.76 -12.98
C ILE B 335 6.75 -3.45 -12.33
N ASN B 336 7.17 -2.50 -13.15
CA ASN B 336 7.70 -1.23 -12.65
CA ASN B 336 7.71 -1.22 -12.68
C ASN B 336 6.66 -0.14 -12.84
N THR B 337 6.12 0.37 -11.72
CA THR B 337 5.08 1.39 -11.76
C THR B 337 5.60 2.81 -11.92
N LEU B 338 6.90 3.08 -11.80
CA LEU B 338 7.48 4.38 -12.13
C LEU B 338 8.61 4.20 -13.13
N PRO B 339 8.28 4.05 -14.40
CA PRO B 339 9.33 3.94 -15.42
C PRO B 339 10.06 5.27 -15.60
N GLY B 340 11.21 5.19 -16.26
CA GLY B 340 11.95 6.40 -16.61
C GLY B 340 11.21 7.24 -17.63
N PHE B 341 11.35 8.56 -17.51
CA PHE B 341 10.69 9.47 -18.42
C PHE B 341 11.66 10.41 -19.11
N THR B 342 12.94 10.05 -19.17
CA THR B 342 13.92 10.81 -19.92
C THR B 342 13.85 10.40 -21.40
N ASN B 343 14.71 11.03 -22.21
CA ASN B 343 14.71 10.78 -23.65
C ASN B 343 15.49 9.53 -24.03
N ILE B 344 16.23 8.93 -23.09
CA ILE B 344 16.81 7.61 -23.32
C ILE B 344 16.04 6.51 -22.61
N SER B 345 14.91 6.82 -21.99
CA SER B 345 14.20 5.82 -21.19
C SER B 345 13.40 4.89 -22.08
N MET B 346 13.39 3.60 -21.70
CA MET B 346 12.69 2.58 -22.47
C MET B 346 11.21 2.90 -22.63
N TYR B 347 10.53 3.32 -21.55
CA TYR B 347 9.07 3.43 -21.61
C TYR B 347 8.60 4.46 -22.64
N PRO B 348 9.04 5.72 -22.63
CA PRO B 348 8.65 6.61 -23.72
C PRO B 348 9.15 6.14 -25.09
N LYS B 349 10.33 5.51 -25.15
CA LYS B 349 10.85 5.10 -26.45
C LYS B 349 9.99 4.00 -27.07
N LEU B 350 9.48 3.08 -26.24
CA LEU B 350 8.59 2.02 -26.73
C LEU B 350 7.30 2.59 -27.29
N TRP B 351 6.69 3.55 -26.60
CA TRP B 351 5.50 4.20 -27.15
C TRP B 351 5.82 4.97 -28.43
N GLN B 352 6.97 5.65 -28.45
CA GLN B 352 7.34 6.41 -29.64
C GLN B 352 7.42 5.50 -30.85
N ALA B 353 8.00 4.30 -30.66
CA ALA B 353 8.10 3.29 -31.71
C ALA B 353 6.79 2.57 -31.99
N SER B 354 5.76 2.80 -31.19
CA SER B 354 4.42 2.28 -31.44
C SER B 354 3.45 3.37 -31.90
N GLY B 355 3.95 4.56 -32.24
CA GLY B 355 3.11 5.62 -32.78
C GLY B 355 2.50 6.61 -31.79
N LEU B 356 2.84 6.55 -30.51
CA LEU B 356 2.34 7.51 -29.53
C LEU B 356 3.50 8.44 -29.16
N ASP B 357 3.38 9.70 -29.52
CA ASP B 357 4.44 10.65 -29.24
C ASP B 357 4.48 11.03 -27.76
N TYR B 358 5.65 11.48 -27.35
CA TYR B 358 5.92 11.80 -25.95
C TYR B 358 4.95 12.85 -25.38
N THR B 359 4.71 13.93 -26.12
CA THR B 359 3.74 14.93 -25.64
C THR B 359 2.36 14.31 -25.41
N SER B 360 1.87 13.53 -26.37
CA SER B 360 0.56 12.89 -26.22
C SER B 360 0.53 11.87 -25.09
N LEU B 361 1.65 11.17 -24.87
CA LEU B 361 1.77 10.26 -23.74
C LEU B 361 1.58 10.99 -22.41
N ILE B 362 2.29 12.09 -22.24
CA ILE B 362 2.15 12.90 -21.01
C ILE B 362 0.69 13.32 -20.84
N THR B 363 0.07 13.83 -21.92
CA THR B 363 -1.34 14.24 -21.84
C THR B 363 -2.23 13.06 -21.45
N ARG B 364 -2.03 11.90 -22.07
CA ARG B 364 -2.86 10.75 -21.75
C ARG B 364 -2.69 10.35 -20.29
N LEU B 365 -1.45 10.37 -19.78
CA LEU B 365 -1.24 10.00 -18.38
C LEU B 365 -2.00 10.94 -17.43
N ILE B 366 -1.99 12.24 -17.74
CA ILE B 366 -2.73 13.20 -16.93
C ILE B 366 -4.23 12.97 -17.07
N GLU B 367 -4.73 12.73 -18.29
CA GLU B 367 -6.15 12.41 -18.44
C GLU B 367 -6.55 11.17 -17.64
N LEU B 368 -5.72 10.13 -17.66
CA LEU B 368 -6.02 8.90 -16.92
C LEU B 368 -6.09 9.18 -15.42
N ALA B 369 -5.16 9.98 -14.89
CA ALA B 369 -5.18 10.35 -13.48
C ALA B 369 -6.50 11.04 -13.12
N LEU B 370 -6.91 11.98 -13.97
CA LEU B 370 -8.14 12.72 -13.72
C LEU B 370 -9.37 11.84 -13.84
N GLU B 371 -9.35 10.89 -14.79
CA GLU B 371 -10.44 9.93 -14.93
C GLU B 371 -10.58 9.06 -13.69
N ARG B 372 -9.45 8.56 -13.17
CA ARG B 372 -9.49 7.71 -11.98
C ARG B 372 -10.00 8.49 -10.76
N HIS B 373 -9.54 9.72 -10.58
CA HIS B 373 -10.05 10.57 -9.50
C HIS B 373 -11.56 10.79 -9.63
N ALA B 374 -12.03 11.09 -10.84
CA ALA B 374 -13.46 11.32 -11.05
C ALA B 374 -14.28 10.07 -10.75
N ALA B 375 -13.74 8.89 -11.09
CA ALA B 375 -14.42 7.64 -10.72
C ALA B 375 -14.47 7.49 -9.21
N ASP B 376 -13.34 7.72 -8.54
CA ASP B 376 -13.29 7.58 -7.09
C ASP B 376 -14.22 8.57 -6.42
N ARG B 377 -14.24 9.80 -6.93
CA ARG B 377 -15.04 10.84 -6.31
C ARG B 377 -16.54 10.55 -6.42
N ALA B 378 -16.96 9.81 -7.45
CA ALA B 378 -18.37 9.47 -7.63
C ALA B 378 -18.85 8.37 -6.69
N LEU B 379 -17.96 7.67 -6.02
CA LEU B 379 -18.36 6.60 -5.11
C LEU B 379 -19.11 7.18 -3.92
N LYS B 380 -20.05 6.39 -3.39
CA LYS B 380 -20.66 6.72 -2.11
C LYS B 380 -19.65 6.49 -1.00
N THR B 381 -19.75 7.31 0.04
CA THR B 381 -18.86 7.19 1.20
C THR B 381 -19.64 6.85 2.47
P AMP C . -18.00 -9.34 6.37
O1P AMP C . -17.76 -10.03 7.70
O2P AMP C . -17.86 -7.84 6.54
O3P AMP C . -17.18 -9.97 5.25
O5' AMP C . -19.54 -9.68 6.16
C5' AMP C . -20.48 -9.43 7.21
C4' AMP C . -21.27 -10.65 7.61
O4' AMP C . -21.84 -11.27 6.44
C3' AMP C . -20.49 -11.77 8.29
O3' AMP C . -20.34 -11.57 9.68
C2' AMP C . -21.29 -13.02 7.96
O2' AMP C . -22.40 -13.17 8.84
C1' AMP C . -21.84 -12.68 6.57
N9 AMP C . -20.98 -13.22 5.51
C8 AMP C . -20.12 -12.53 4.69
N7 AMP C . -19.54 -13.26 3.77
C5 AMP C . -20.05 -14.53 4.00
C6 AMP C . -19.87 -15.76 3.34
N6 AMP C . -19.11 -15.92 2.25
N1 AMP C . -20.54 -16.83 3.82
C2 AMP C . -21.32 -16.68 4.89
N3 AMP C . -21.58 -15.57 5.58
C4 AMP C . -20.92 -14.52 5.08
MG MG D . -16.92 -9.82 9.64
C1 EDO E . -17.16 -13.48 9.67
O1 EDO E . -16.78 -12.19 10.21
C2 EDO E . -16.09 -14.52 9.99
O2 EDO E . -15.87 -14.66 11.41
C1 EDO F . 8.07 15.56 16.34
O1 EDO F . 8.64 14.26 16.27
C2 EDO F . 6.58 15.52 16.07
O2 EDO F . 6.13 16.82 16.43
C1 EDO G . 4.06 -10.89 21.02
O1 EDO G . 4.73 -10.01 21.95
C2 EDO G . 5.08 -11.30 19.95
O2 EDO G . 6.08 -10.28 19.90
C1 EDO H . 6.58 -8.63 8.87
O1 EDO H . 5.63 -7.81 8.18
C2 EDO H . 6.39 -8.40 10.36
O2 EDO H . 6.54 -7.00 10.64
CL CL I . -11.66 -6.17 17.79
CL CL J . 7.59 -10.30 17.17
P AMP K . 16.39 -7.54 -11.82
O1P AMP K . 15.45 -8.46 -11.13
O2P AMP K . 16.68 -6.25 -11.09
O3P AMP K . 16.09 -7.23 -13.27
O5' AMP K . 17.77 -8.31 -11.95
C5' AMP K . 18.89 -7.70 -12.57
C4' AMP K . 19.40 -8.54 -13.71
O4' AMP K . 19.75 -9.86 -13.18
C3' AMP K . 18.43 -8.84 -14.84
O3' AMP K . 18.37 -7.81 -15.82
C2' AMP K . 18.95 -10.16 -15.39
O2' AMP K . 20.07 -9.96 -16.24
C1' AMP K . 19.42 -10.85 -14.12
N9 AMP K . 18.35 -11.68 -13.54
C8 AMP K . 17.57 -11.40 -12.45
N7 AMP K . 16.77 -12.38 -12.09
C5 AMP K . 17.04 -13.37 -13.03
C6 AMP K . 16.56 -14.69 -13.16
N6 AMP K . 15.74 -15.29 -12.29
N1 AMP K . 17.03 -15.42 -14.20
C2 AMP K . 17.95 -14.88 -15.01
N3 AMP K . 18.50 -13.65 -14.96
C4 AMP K . 17.99 -12.95 -13.93
MG MG L . 15.59 -5.79 -14.58
C1 EDO M . 13.71 -9.16 -17.42
O1 EDO M . 13.68 -8.52 -18.73
C2 EDO M . 14.95 -8.71 -16.64
O2 EDO M . 14.93 -7.28 -16.37
C1 EDO N . -2.53 21.76 -3.62
O1 EDO N . -3.79 21.93 -4.29
C2 EDO N . -1.87 23.12 -3.38
O2 EDO N . -2.18 23.64 -2.07
C1 EDO O . -5.47 3.31 -22.88
O1 EDO O . -6.36 4.10 -22.07
C2 EDO O . -4.36 4.18 -23.49
O2 EDO O . -4.90 5.42 -23.96
C1 EDO P . -7.91 -0.01 -13.34
O1 EDO P . -6.94 1.05 -13.25
C2 EDO P . -8.09 -0.62 -11.95
O2 EDO P . -6.82 -0.58 -11.27
CL CL Q . 11.60 2.95 -18.52
CL CL R . -8.05 2.86 -19.91
#